data_2JX3
#
_entry.id   2JX3
#
_cell.length_a   1.000
_cell.length_b   1.000
_cell.length_c   1.000
_cell.angle_alpha   90.00
_cell.angle_beta   90.00
_cell.angle_gamma   90.00
#
_symmetry.space_group_name_H-M   'P 1'
#
_entity_poly.entity_id   1
_entity_poly.type   'polypeptide(L)'
_entity_poly.pdbx_seq_one_letter_code
;FTIAQGKGQKLCEIERIHFFLSKKKTDELRNLHKLLYNRPGTVSSLKKNVGQFSGFPFEKGSVQYKKKEEMLKKFRNAML
KSICEVLDLERSGVNSELVKRILNFLMHPKPSGKPLPKSKKTCSKGSKKER
;
_entity_poly.pdbx_strand_id   A
#
# COMPACT_ATOMS: atom_id res chain seq x y z
N PHE A 1 -10.43 -16.98 -5.35
CA PHE A 1 -9.28 -16.18 -5.87
C PHE A 1 -7.97 -16.77 -5.35
N THR A 2 -6.85 -16.22 -5.76
CA THR A 2 -5.54 -16.75 -5.29
C THR A 2 -4.42 -15.74 -5.58
N ILE A 3 -4.59 -14.51 -5.16
CA ILE A 3 -3.53 -13.50 -5.40
C ILE A 3 -2.41 -13.64 -4.37
N ALA A 4 -2.68 -14.31 -3.28
CA ALA A 4 -1.63 -14.48 -2.23
C ALA A 4 -1.65 -15.93 -1.73
N GLN A 5 -0.52 -16.60 -1.79
CA GLN A 5 -0.48 -18.01 -1.31
C GLN A 5 0.94 -18.39 -0.84
N GLY A 6 1.69 -17.44 -0.38
CA GLY A 6 3.07 -17.75 0.09
C GLY A 6 3.56 -16.62 1.00
N LYS A 7 3.29 -15.39 0.63
CA LYS A 7 3.74 -14.25 1.47
C LYS A 7 3.46 -14.54 2.95
N GLY A 8 4.48 -14.52 3.77
CA GLY A 8 4.28 -14.81 5.22
C GLY A 8 3.01 -14.08 5.70
N GLN A 9 2.93 -12.80 5.48
CA GLN A 9 1.73 -12.04 5.91
C GLN A 9 1.41 -10.94 4.90
N LYS A 10 0.80 -11.31 3.81
CA LYS A 10 0.46 -10.29 2.76
C LYS A 10 -0.47 -9.22 3.33
N LEU A 11 -0.88 -8.30 2.51
CA LEU A 11 -1.80 -7.22 2.98
C LEU A 11 -3.04 -7.82 3.63
N CYS A 12 -3.33 -9.06 3.36
CA CYS A 12 -4.55 -9.70 3.96
C CYS A 12 -4.21 -10.32 5.32
N GLU A 13 -2.98 -10.68 5.53
CA GLU A 13 -2.59 -11.30 6.83
C GLU A 13 -2.43 -10.22 7.90
N ILE A 14 -1.47 -9.35 7.73
CA ILE A 14 -1.26 -8.27 8.74
C ILE A 14 -2.62 -7.67 9.15
N GLU A 15 -3.14 -8.10 10.27
CA GLU A 15 -4.47 -7.58 10.72
C GLU A 15 -4.42 -6.06 10.88
N ARG A 16 -3.36 -5.54 11.41
CA ARG A 16 -3.28 -4.05 11.60
C ARG A 16 -3.37 -3.34 10.25
N ILE A 17 -2.46 -3.63 9.36
CA ILE A 17 -2.49 -2.97 8.02
C ILE A 17 -3.70 -3.45 7.23
N HIS A 18 -3.98 -4.73 7.25
CA HIS A 18 -5.16 -5.25 6.50
C HIS A 18 -6.44 -4.60 7.03
N PHE A 19 -6.51 -4.38 8.31
CA PHE A 19 -7.73 -3.76 8.89
C PHE A 19 -7.95 -2.35 8.31
N PHE A 20 -7.13 -1.41 8.69
CA PHE A 20 -7.30 -0.02 8.17
C PHE A 20 -7.63 -0.04 6.68
N LEU A 21 -7.22 -1.07 5.98
CA LEU A 21 -7.50 -1.13 4.52
C LEU A 21 -8.94 -1.62 4.27
N SER A 22 -9.46 -2.43 5.16
CA SER A 22 -10.85 -2.94 4.98
C SER A 22 -11.83 -1.78 4.78
N LYS A 23 -11.44 -0.59 5.14
CA LYS A 23 -12.34 0.58 4.97
C LYS A 23 -12.04 1.30 3.65
N LYS A 24 -11.86 0.58 2.58
CA LYS A 24 -11.56 1.24 1.28
C LYS A 24 -12.72 2.15 0.88
N LYS A 25 -12.45 3.18 0.13
CA LYS A 25 -13.54 4.11 -0.29
C LYS A 25 -13.59 4.22 -1.82
N THR A 26 -14.72 4.55 -2.36
CA THR A 26 -14.84 4.67 -3.84
C THR A 26 -13.70 5.53 -4.38
N ASP A 27 -13.59 6.76 -3.93
CA ASP A 27 -12.49 7.63 -4.43
C ASP A 27 -11.14 6.96 -4.18
N GLU A 28 -10.90 6.52 -2.98
CA GLU A 28 -9.61 5.85 -2.67
C GLU A 28 -9.38 4.71 -3.66
N LEU A 29 -10.32 3.83 -3.78
CA LEU A 29 -10.17 2.69 -4.74
C LEU A 29 -9.84 3.22 -6.13
N ARG A 30 -10.36 4.36 -6.46
CA ARG A 30 -10.10 4.96 -7.81
C ARG A 30 -8.60 5.14 -8.04
N ASN A 31 -7.93 5.80 -7.14
CA ASN A 31 -6.46 6.03 -7.33
C ASN A 31 -5.65 4.78 -6.95
N LEU A 32 -6.02 4.13 -5.88
CA LEU A 32 -5.25 2.91 -5.46
C LEU A 32 -5.30 1.81 -6.52
N HIS A 33 -6.47 1.43 -6.95
CA HIS A 33 -6.57 0.35 -7.98
C HIS A 33 -6.21 0.87 -9.37
N LYS A 34 -6.32 2.16 -9.60
CA LYS A 34 -5.98 2.70 -10.95
C LYS A 34 -4.48 2.60 -11.22
N LEU A 35 -3.67 2.74 -10.21
CA LEU A 35 -2.20 2.64 -10.43
C LEU A 35 -1.66 1.34 -9.83
N LEU A 36 -2.02 1.05 -8.62
CA LEU A 36 -1.54 -0.20 -7.97
C LEU A 36 -1.92 -1.42 -8.82
N TYR A 37 -3.18 -1.58 -9.10
CA TYR A 37 -3.62 -2.76 -9.91
C TYR A 37 -3.95 -2.34 -11.35
N ASN A 38 -3.86 -1.08 -11.65
CA ASN A 38 -4.18 -0.63 -13.03
C ASN A 38 -5.55 -1.19 -13.45
N ARG A 39 -6.46 -1.29 -12.54
CA ARG A 39 -7.82 -1.82 -12.87
C ARG A 39 -8.87 -1.20 -11.97
N PRO A 40 -10.03 -0.96 -12.54
CA PRO A 40 -11.15 -0.36 -11.77
C PRO A 40 -11.68 -1.36 -10.74
N GLY A 41 -11.01 -1.50 -9.63
CA GLY A 41 -11.48 -2.46 -8.58
C GLY A 41 -12.99 -2.33 -8.41
N THR A 42 -13.66 -3.44 -8.27
CA THR A 42 -15.14 -3.41 -8.08
C THR A 42 -15.49 -3.68 -6.62
N VAL A 43 -16.10 -4.81 -6.33
CA VAL A 43 -16.44 -5.12 -4.92
C VAL A 43 -15.56 -6.27 -4.41
N SER A 44 -15.62 -7.39 -5.06
CA SER A 44 -14.79 -8.56 -4.63
C SER A 44 -13.33 -8.32 -4.98
N SER A 45 -13.05 -7.38 -5.87
CA SER A 45 -11.64 -7.11 -6.24
C SER A 45 -11.05 -6.07 -5.28
N LEU A 46 -11.61 -4.89 -5.29
CA LEU A 46 -11.10 -3.83 -4.39
C LEU A 46 -10.87 -4.41 -2.99
N LYS A 47 -11.73 -5.32 -2.57
CA LYS A 47 -11.57 -5.92 -1.22
C LYS A 47 -10.39 -6.89 -1.21
N LYS A 48 -10.44 -7.93 -1.99
CA LYS A 48 -9.30 -8.89 -2.01
C LYS A 48 -8.04 -8.21 -2.56
N ASN A 49 -8.12 -7.63 -3.72
CA ASN A 49 -6.91 -6.95 -4.30
C ASN A 49 -6.20 -6.14 -3.22
N VAL A 50 -6.81 -5.09 -2.74
CA VAL A 50 -6.16 -4.26 -1.69
C VAL A 50 -5.48 -5.16 -0.66
N GLY A 51 -6.24 -5.99 0.00
CA GLY A 51 -5.65 -6.90 1.02
C GLY A 51 -4.62 -7.82 0.35
N GLN A 52 -4.73 -8.02 -0.93
CA GLN A 52 -3.76 -8.91 -1.64
C GLN A 52 -3.25 -8.23 -2.92
N PHE A 53 -2.45 -7.21 -2.79
CA PHE A 53 -1.93 -6.52 -4.00
C PHE A 53 -0.77 -7.31 -4.61
N SER A 54 0.41 -7.16 -4.07
CA SER A 54 1.58 -7.91 -4.62
C SER A 54 2.39 -8.54 -3.48
N GLY A 55 2.61 -7.79 -2.42
CA GLY A 55 3.39 -8.34 -1.28
C GLY A 55 4.15 -7.21 -0.59
N PHE A 56 3.45 -6.22 -0.11
CA PHE A 56 4.14 -5.09 0.58
C PHE A 56 5.30 -5.59 1.44
N PRO A 57 5.01 -6.55 2.30
CA PRO A 57 6.06 -7.11 3.18
C PRO A 57 7.08 -7.92 2.36
N PHE A 58 7.68 -7.30 1.38
CA PHE A 58 8.69 -8.02 0.54
C PHE A 58 10.11 -7.80 1.09
N GLU A 59 11.07 -7.68 0.22
CA GLU A 59 12.47 -7.45 0.68
C GLU A 59 12.95 -6.06 0.28
N LYS A 60 13.84 -5.48 1.04
CA LYS A 60 14.34 -4.11 0.71
C LYS A 60 15.83 -4.17 0.37
N GLY A 61 16.48 -3.04 0.31
CA GLY A 61 17.94 -3.03 -0.01
C GLY A 61 18.16 -3.59 -1.42
N SER A 62 17.11 -3.73 -2.17
CA SER A 62 17.27 -4.28 -3.56
C SER A 62 17.08 -3.16 -4.59
N VAL A 63 17.46 -3.41 -5.83
CA VAL A 63 17.30 -2.37 -6.87
C VAL A 63 15.88 -1.79 -6.83
N GLN A 64 14.89 -2.62 -6.73
CA GLN A 64 13.49 -2.13 -6.70
C GLN A 64 13.24 -1.35 -5.40
N TYR A 65 13.74 -1.83 -4.29
CA TYR A 65 13.52 -1.10 -3.01
C TYR A 65 13.77 0.40 -3.22
N LYS A 66 14.97 0.76 -3.58
CA LYS A 66 15.27 2.20 -3.82
C LYS A 66 14.23 2.76 -4.79
N LYS A 67 13.95 2.04 -5.84
CA LYS A 67 12.93 2.51 -6.83
C LYS A 67 11.70 3.03 -6.09
N LYS A 68 11.06 2.19 -5.32
CA LYS A 68 9.86 2.65 -4.57
C LYS A 68 10.15 3.98 -3.89
N GLU A 69 11.23 4.07 -3.18
CA GLU A 69 11.57 5.35 -2.48
C GLU A 69 11.26 6.56 -3.37
N GLU A 70 11.60 6.50 -4.63
CA GLU A 70 11.34 7.66 -5.53
C GLU A 70 9.84 7.77 -5.87
N MET A 71 9.30 6.79 -6.55
CA MET A 71 7.86 6.85 -6.90
C MET A 71 7.02 7.10 -5.66
N LEU A 72 7.35 6.46 -4.58
CA LEU A 72 6.58 6.67 -3.32
C LEU A 72 6.83 8.08 -2.80
N LYS A 73 7.91 8.70 -3.20
CA LYS A 73 8.18 10.09 -2.74
C LYS A 73 7.09 11.01 -3.31
N LYS A 74 7.11 11.23 -4.59
CA LYS A 74 6.05 12.10 -5.20
C LYS A 74 4.69 11.65 -4.66
N PHE A 75 4.48 10.36 -4.63
CA PHE A 75 3.20 9.83 -4.09
C PHE A 75 3.14 10.13 -2.60
N ARG A 76 4.27 10.23 -1.97
CA ARG A 76 4.27 10.54 -0.51
C ARG A 76 3.33 11.70 -0.28
N ASN A 77 3.48 12.75 -1.05
CA ASN A 77 2.59 13.91 -0.89
C ASN A 77 1.15 13.54 -1.28
N ALA A 78 0.94 13.18 -2.52
CA ALA A 78 -0.45 12.81 -2.96
C ALA A 78 -0.88 11.46 -2.38
N MET A 79 -0.23 10.41 -2.78
CA MET A 79 -0.61 9.05 -2.28
C MET A 79 -0.96 9.10 -0.79
N LEU A 80 -0.05 9.55 0.05
CA LEU A 80 -0.37 9.58 1.50
C LEU A 80 -1.69 10.31 1.72
N LYS A 81 -1.90 11.42 1.05
CA LYS A 81 -3.19 12.15 1.23
C LYS A 81 -4.33 11.13 1.26
N SER A 82 -4.55 10.43 0.18
CA SER A 82 -5.62 9.40 0.17
C SER A 82 -5.14 8.13 0.89
N ILE A 83 -4.07 7.55 0.43
CA ILE A 83 -3.53 6.32 1.09
C ILE A 83 -3.48 6.51 2.61
N CYS A 84 -2.64 7.40 3.08
CA CYS A 84 -2.58 7.62 4.56
C CYS A 84 -3.99 7.71 5.13
N GLU A 85 -4.88 8.41 4.47
CA GLU A 85 -6.26 8.50 4.98
C GLU A 85 -6.74 7.10 5.40
N VAL A 86 -6.30 6.09 4.69
CA VAL A 86 -6.71 4.70 5.05
C VAL A 86 -5.51 3.76 4.90
N LEU A 87 -4.43 4.03 5.57
CA LEU A 87 -3.23 3.16 5.46
C LEU A 87 -2.60 2.95 6.83
N ASP A 88 -3.40 2.82 7.85
CA ASP A 88 -2.85 2.63 9.23
C ASP A 88 -2.11 3.89 9.67
N LEU A 89 -2.61 5.04 9.30
CA LEU A 89 -1.92 6.31 9.71
C LEU A 89 -2.97 7.39 9.99
N GLU A 90 -2.54 8.52 10.51
CA GLU A 90 -3.51 9.62 10.80
C GLU A 90 -2.99 10.94 10.22
N ARG A 91 -2.12 10.87 9.26
CA ARG A 91 -1.58 12.12 8.65
C ARG A 91 -0.74 12.89 9.67
N SER A 92 0.54 12.60 9.73
CA SER A 92 1.41 13.32 10.71
C SER A 92 2.88 13.09 10.36
N GLY A 93 3.77 13.69 11.09
CA GLY A 93 5.22 13.51 10.80
C GLY A 93 5.65 14.50 9.71
N VAL A 94 6.93 14.58 9.44
CA VAL A 94 7.40 15.53 8.40
C VAL A 94 7.64 14.79 7.08
N ASN A 95 7.97 15.51 6.03
CA ASN A 95 8.22 14.86 4.72
C ASN A 95 9.18 13.67 4.88
N SER A 96 10.32 13.89 5.45
CA SER A 96 11.30 12.77 5.62
C SER A 96 10.65 11.59 6.35
N GLU A 97 9.76 11.86 7.28
CA GLU A 97 9.11 10.75 8.02
C GLU A 97 8.05 10.08 7.15
N LEU A 98 7.48 10.82 6.23
CA LEU A 98 6.44 10.22 5.35
C LEU A 98 7.08 9.21 4.39
N VAL A 99 8.02 9.67 3.60
CA VAL A 99 8.69 8.74 2.65
C VAL A 99 9.34 7.60 3.43
N LYS A 100 10.12 7.92 4.43
CA LYS A 100 10.76 6.85 5.24
C LYS A 100 9.71 5.82 5.66
N ARG A 101 8.48 6.24 5.77
CA ARG A 101 7.40 5.29 6.16
C ARG A 101 7.06 4.36 5.00
N ILE A 102 7.17 4.83 3.79
CA ILE A 102 6.87 3.95 2.63
C ILE A 102 7.93 2.85 2.51
N LEU A 103 9.13 3.13 2.91
CA LEU A 103 10.21 2.11 2.83
C LEU A 103 10.07 1.15 4.01
N ASN A 104 9.47 1.61 5.07
CA ASN A 104 9.30 0.74 6.27
C ASN A 104 7.87 0.18 6.30
N PHE A 105 7.00 0.73 5.48
CA PHE A 105 5.59 0.23 5.46
C PHE A 105 5.29 -0.40 4.09
N LEU A 106 5.23 0.40 3.06
CA LEU A 106 4.93 -0.17 1.71
C LEU A 106 5.98 -1.23 1.35
N MET A 107 7.08 -1.22 2.05
CA MET A 107 8.14 -2.24 1.77
C MET A 107 8.19 -3.26 2.91
N HIS A 108 7.41 -3.03 3.95
CA HIS A 108 7.40 -3.98 5.10
C HIS A 108 6.45 -3.46 6.19
N PRO A 109 5.18 -3.64 5.93
CA PRO A 109 4.14 -3.17 6.88
C PRO A 109 4.15 -4.05 8.14
N LYS A 110 3.32 -5.06 8.18
CA LYS A 110 3.29 -5.94 9.38
C LYS A 110 2.79 -5.16 10.61
N PHE A 1 -3.42 -19.07 -9.17
CA PHE A 1 -3.15 -17.61 -8.95
C PHE A 1 -1.78 -17.42 -8.29
N THR A 2 -1.34 -16.20 -8.16
CA THR A 2 -0.01 -15.96 -7.52
C THR A 2 0.11 -14.48 -7.10
N ILE A 3 -0.87 -13.98 -6.39
CA ILE A 3 -0.80 -12.55 -5.95
C ILE A 3 0.24 -12.40 -4.84
N ALA A 4 0.24 -13.28 -3.88
CA ALA A 4 1.22 -13.17 -2.77
C ALA A 4 1.31 -14.51 -2.01
N GLN A 5 2.29 -15.32 -2.31
CA GLN A 5 2.43 -16.62 -1.61
C GLN A 5 3.83 -16.78 -1.02
N GLY A 6 4.47 -15.68 -0.70
CA GLY A 6 5.83 -15.77 -0.12
C GLY A 6 6.18 -14.44 0.56
N LYS A 7 5.18 -13.71 0.99
CA LYS A 7 5.46 -12.41 1.66
C LYS A 7 5.24 -12.54 3.18
N GLY A 8 5.04 -13.74 3.65
CA GLY A 8 4.82 -13.94 5.11
C GLY A 8 3.47 -13.34 5.51
N GLN A 9 3.33 -12.05 5.39
CA GLN A 9 2.04 -11.40 5.76
C GLN A 9 1.76 -10.23 4.81
N LYS A 10 1.50 -10.52 3.57
CA LYS A 10 1.24 -9.44 2.58
C LYS A 10 0.15 -8.49 3.08
N LEU A 11 -0.35 -7.65 2.22
CA LEU A 11 -1.41 -6.68 2.62
C LEU A 11 -2.70 -7.41 2.98
N CYS A 12 -2.74 -8.71 2.81
CA CYS A 12 -3.98 -9.47 3.14
C CYS A 12 -3.84 -10.15 4.51
N GLU A 13 -2.64 -10.49 4.89
CA GLU A 13 -2.45 -11.15 6.21
C GLU A 13 -2.45 -10.13 7.33
N ILE A 14 -1.56 -9.16 7.28
CA ILE A 14 -1.52 -8.13 8.35
C ILE A 14 -2.93 -7.68 8.72
N GLU A 15 -3.46 -8.19 9.80
CA GLU A 15 -4.84 -7.80 10.22
C GLU A 15 -4.91 -6.29 10.50
N ARG A 16 -3.89 -5.75 11.12
CA ARG A 16 -3.90 -4.28 11.43
C ARG A 16 -3.89 -3.48 10.14
N ILE A 17 -2.91 -3.69 9.30
CA ILE A 17 -2.85 -2.93 8.01
C ILE A 17 -4.00 -3.36 7.10
N HIS A 18 -4.26 -4.62 7.00
CA HIS A 18 -5.38 -5.10 6.13
C HIS A 18 -6.72 -4.54 6.62
N PHE A 19 -6.90 -4.48 7.92
CA PHE A 19 -8.19 -3.95 8.45
C PHE A 19 -8.38 -2.49 8.00
N PHE A 20 -7.49 -1.62 8.38
CA PHE A 20 -7.63 -0.19 7.96
C PHE A 20 -8.02 -0.13 6.49
N LEU A 21 -7.57 -1.09 5.73
CA LEU A 21 -7.91 -1.12 4.28
C LEU A 21 -9.27 -1.77 4.06
N SER A 22 -9.66 -2.66 4.94
CA SER A 22 -10.97 -3.35 4.79
C SER A 22 -12.13 -2.35 4.92
N LYS A 23 -12.17 -1.38 4.06
CA LYS A 23 -13.28 -0.37 4.12
C LYS A 23 -13.95 -0.22 2.75
N LYS A 24 -13.25 -0.51 1.70
CA LYS A 24 -13.85 -0.39 0.34
C LYS A 24 -14.34 1.03 0.11
N LYS A 25 -13.55 1.85 -0.55
CA LYS A 25 -13.97 3.25 -0.79
C LYS A 25 -13.99 3.54 -2.30
N THR A 26 -14.01 4.79 -2.67
CA THR A 26 -14.02 5.14 -4.12
C THR A 26 -12.81 6.01 -4.46
N ASP A 27 -12.64 7.10 -3.76
CA ASP A 27 -11.48 7.98 -4.03
C ASP A 27 -10.17 7.23 -3.76
N GLU A 28 -9.98 6.78 -2.56
CA GLU A 28 -8.73 6.02 -2.24
C GLU A 28 -8.60 4.83 -3.19
N LEU A 29 -9.63 4.03 -3.29
CA LEU A 29 -9.57 2.85 -4.20
C LEU A 29 -9.12 3.29 -5.59
N ARG A 30 -9.72 4.33 -6.10
CA ARG A 30 -9.34 4.81 -7.46
C ARG A 30 -7.82 4.94 -7.58
N ASN A 31 -7.25 5.95 -6.98
CA ASN A 31 -5.77 6.13 -7.06
C ASN A 31 -5.03 4.83 -6.72
N LEU A 32 -5.52 4.08 -5.78
CA LEU A 32 -4.84 2.81 -5.40
C LEU A 32 -4.94 1.80 -6.55
N HIS A 33 -6.10 1.21 -6.72
CA HIS A 33 -6.26 0.21 -7.81
C HIS A 33 -5.87 0.81 -9.16
N LYS A 34 -5.91 2.11 -9.29
CA LYS A 34 -5.54 2.75 -10.58
C LYS A 34 -4.08 2.50 -10.91
N LEU A 35 -3.21 2.66 -9.95
CA LEU A 35 -1.76 2.43 -10.21
C LEU A 35 -1.32 1.13 -9.56
N LEU A 36 -1.73 0.91 -8.34
CA LEU A 36 -1.34 -0.35 -7.63
C LEU A 36 -1.79 -1.58 -8.42
N TYR A 37 -3.05 -1.67 -8.74
CA TYR A 37 -3.53 -2.86 -9.50
C TYR A 37 -3.84 -2.48 -10.95
N ASN A 38 -3.69 -1.23 -11.29
CA ASN A 38 -3.99 -0.81 -12.70
C ASN A 38 -5.33 -1.41 -13.14
N ARG A 39 -6.33 -1.32 -12.32
CA ARG A 39 -7.66 -1.89 -12.70
C ARG A 39 -8.78 -0.93 -12.28
N PRO A 40 -9.98 -1.27 -12.68
CA PRO A 40 -11.17 -0.43 -12.33
C PRO A 40 -11.52 -0.59 -10.86
N GLY A 41 -11.61 -1.80 -10.38
CA GLY A 41 -11.95 -2.02 -8.95
C GLY A 41 -13.32 -2.67 -8.82
N THR A 42 -13.39 -3.80 -8.18
CA THR A 42 -14.71 -4.50 -8.02
C THR A 42 -14.80 -5.08 -6.61
N VAL A 43 -15.98 -5.13 -6.04
CA VAL A 43 -16.14 -5.69 -4.67
C VAL A 43 -15.21 -6.89 -4.47
N SER A 44 -15.22 -7.82 -5.38
CA SER A 44 -14.35 -9.01 -5.25
C SER A 44 -12.88 -8.61 -5.36
N SER A 45 -12.59 -7.61 -6.15
CA SER A 45 -11.18 -7.16 -6.29
C SER A 45 -10.87 -6.14 -5.18
N LEU A 46 -11.60 -5.06 -5.15
CA LEU A 46 -11.40 -4.01 -4.11
C LEU A 46 -10.93 -4.64 -2.80
N LYS A 47 -11.73 -5.50 -2.24
CA LYS A 47 -11.33 -6.15 -0.95
C LYS A 47 -10.18 -7.14 -1.17
N LYS A 48 -10.32 -8.01 -2.14
CA LYS A 48 -9.24 -9.00 -2.40
C LYS A 48 -7.96 -8.31 -2.90
N ASN A 49 -8.00 -7.77 -4.09
CA ASN A 49 -6.79 -7.09 -4.63
C ASN A 49 -6.09 -6.27 -3.54
N VAL A 50 -6.76 -5.30 -3.00
CA VAL A 50 -6.12 -4.47 -1.93
C VAL A 50 -5.37 -5.38 -0.95
N GLY A 51 -6.09 -6.05 -0.08
CA GLY A 51 -5.42 -6.95 0.89
C GLY A 51 -4.47 -7.89 0.15
N GLN A 52 -4.91 -8.46 -0.94
CA GLN A 52 -4.01 -9.38 -1.71
C GLN A 52 -3.50 -8.69 -2.97
N PHE A 53 -2.53 -7.83 -2.83
CA PHE A 53 -1.98 -7.11 -4.02
C PHE A 53 -0.72 -7.83 -4.53
N SER A 54 0.42 -7.49 -3.99
CA SER A 54 1.68 -8.16 -4.46
C SER A 54 2.47 -8.67 -3.25
N GLY A 55 2.39 -7.99 -2.14
CA GLY A 55 3.13 -8.43 -0.93
C GLY A 55 3.91 -7.24 -0.36
N PHE A 56 3.21 -6.26 0.14
CA PHE A 56 3.91 -5.07 0.71
C PHE A 56 5.16 -5.48 1.48
N PRO A 57 4.96 -6.27 2.51
CA PRO A 57 6.11 -6.74 3.32
C PRO A 57 6.95 -7.74 2.54
N PHE A 58 7.51 -7.32 1.43
CA PHE A 58 8.34 -8.26 0.62
C PHE A 58 9.82 -8.04 0.91
N GLU A 59 10.25 -6.82 1.08
CA GLU A 59 11.69 -6.57 1.35
C GLU A 59 11.96 -5.06 1.49
N LYS A 60 13.13 -4.63 1.10
CA LYS A 60 13.47 -3.18 1.22
C LYS A 60 14.82 -2.90 0.56
N GLY A 61 15.72 -3.84 0.62
CA GLY A 61 17.07 -3.62 0.01
C GLY A 61 17.10 -4.28 -1.37
N SER A 62 16.49 -3.68 -2.35
CA SER A 62 16.50 -4.29 -3.72
C SER A 62 16.06 -3.27 -4.77
N VAL A 63 16.20 -3.62 -6.02
CA VAL A 63 15.78 -2.67 -7.09
C VAL A 63 14.35 -2.20 -6.85
N GLN A 64 13.47 -3.11 -6.53
CA GLN A 64 12.05 -2.71 -6.26
C GLN A 64 12.02 -1.57 -5.23
N TYR A 65 12.81 -1.69 -4.20
CA TYR A 65 12.83 -0.61 -3.17
C TYR A 65 13.18 0.73 -3.83
N LYS A 66 14.25 0.76 -4.59
CA LYS A 66 14.63 2.03 -5.26
C LYS A 66 13.39 2.64 -5.92
N LYS A 67 12.68 1.85 -6.69
CA LYS A 67 11.45 2.35 -7.35
C LYS A 67 10.64 3.14 -6.31
N LYS A 68 10.22 2.48 -5.27
CA LYS A 68 9.43 3.18 -4.21
C LYS A 68 10.17 4.45 -3.78
N GLU A 69 11.47 4.42 -3.69
CA GLU A 69 12.19 5.65 -3.28
C GLU A 69 11.63 6.86 -4.04
N GLU A 70 11.75 6.87 -5.33
CA GLU A 70 11.21 8.03 -6.12
C GLU A 70 9.68 7.97 -6.21
N MET A 71 9.14 6.85 -6.63
CA MET A 71 7.66 6.74 -6.75
C MET A 71 6.98 7.12 -5.42
N LEU A 72 7.51 6.63 -4.32
CA LEU A 72 6.89 6.96 -3.00
C LEU A 72 7.03 8.46 -2.73
N LYS A 73 8.03 9.11 -3.28
CA LYS A 73 8.17 10.57 -3.04
C LYS A 73 6.95 11.29 -3.62
N LYS A 74 6.85 11.33 -4.92
CA LYS A 74 5.67 12.01 -5.53
C LYS A 74 4.39 11.48 -4.86
N PHE A 75 4.31 10.19 -4.72
CA PHE A 75 3.13 9.58 -4.06
C PHE A 75 3.10 10.06 -2.60
N ARG A 76 4.24 10.35 -2.04
CA ARG A 76 4.25 10.83 -0.63
C ARG A 76 3.21 11.92 -0.49
N ASN A 77 3.29 12.92 -1.30
CA ASN A 77 2.28 14.02 -1.21
C ASN A 77 0.89 13.47 -1.54
N ALA A 78 0.68 13.04 -2.76
CA ALA A 78 -0.66 12.52 -3.15
C ALA A 78 -0.97 11.19 -2.45
N MET A 79 -0.28 10.15 -2.81
CA MET A 79 -0.55 8.81 -2.19
C MET A 79 -0.85 8.93 -0.69
N LEU A 80 0.04 9.48 0.08
CA LEU A 80 -0.24 9.60 1.54
C LEU A 80 -1.63 10.19 1.75
N LYS A 81 -1.95 11.24 1.05
CA LYS A 81 -3.31 11.84 1.21
C LYS A 81 -4.34 10.72 1.25
N SER A 82 -4.37 9.91 0.22
CA SER A 82 -5.34 8.78 0.19
C SER A 82 -4.82 7.61 1.04
N ILE A 83 -3.71 7.04 0.66
CA ILE A 83 -3.15 5.91 1.45
C ILE A 83 -3.12 6.27 2.93
N CYS A 84 -2.30 7.20 3.32
CA CYS A 84 -2.25 7.58 4.76
C CYS A 84 -3.66 7.71 5.32
N GLU A 85 -4.55 8.32 4.58
CA GLU A 85 -5.95 8.45 5.08
C GLU A 85 -6.49 7.09 5.52
N VAL A 86 -5.94 6.03 4.96
CA VAL A 86 -6.42 4.67 5.34
C VAL A 86 -5.23 3.72 5.53
N LEU A 87 -4.14 4.22 6.07
CA LEU A 87 -2.96 3.35 6.28
C LEU A 87 -2.45 3.49 7.71
N ASP A 88 -3.30 3.31 8.68
CA ASP A 88 -2.87 3.42 10.10
C ASP A 88 -2.38 4.84 10.40
N LEU A 89 -3.02 5.83 9.83
CA LEU A 89 -2.60 7.24 10.08
C LEU A 89 -3.73 8.20 9.71
N GLU A 90 -3.56 9.47 9.99
CA GLU A 90 -4.64 10.46 9.65
C GLU A 90 -4.01 11.76 9.15
N ARG A 91 -3.33 11.73 8.04
CA ARG A 91 -2.71 12.98 7.51
C ARG A 91 -1.83 13.63 8.57
N SER A 92 -0.56 13.30 8.60
CA SER A 92 0.35 13.90 9.62
C SER A 92 1.76 13.30 9.49
N GLY A 93 2.70 14.08 9.04
CA GLY A 93 4.09 13.56 8.89
C GLY A 93 4.95 14.58 8.13
N VAL A 94 6.24 14.40 8.15
CA VAL A 94 7.14 15.34 7.43
C VAL A 94 7.64 14.72 6.13
N ASN A 95 8.16 15.52 5.23
CA ASN A 95 8.67 14.95 3.95
C ASN A 95 9.61 13.77 4.23
N SER A 96 10.42 13.88 5.25
CA SER A 96 11.35 12.76 5.57
C SER A 96 10.61 11.65 6.32
N GLU A 97 9.86 11.99 7.34
CA GLU A 97 9.11 10.96 8.10
C GLU A 97 8.05 10.31 7.20
N LEU A 98 7.54 11.04 6.26
CA LEU A 98 6.49 10.47 5.35
C LEU A 98 7.13 9.44 4.40
N VAL A 99 8.07 9.87 3.61
CA VAL A 99 8.73 8.92 2.67
C VAL A 99 9.33 7.74 3.43
N LYS A 100 10.24 8.02 4.33
CA LYS A 100 10.86 6.92 5.12
C LYS A 100 9.78 6.00 5.70
N ARG A 101 8.60 6.53 5.93
CA ARG A 101 7.51 5.69 6.50
C ARG A 101 7.06 4.64 5.48
N ILE A 102 7.00 4.99 4.23
CA ILE A 102 6.57 3.99 3.21
C ILE A 102 7.67 2.94 3.02
N LEU A 103 8.91 3.33 3.19
CA LEU A 103 10.02 2.35 3.05
C LEU A 103 9.96 1.34 4.19
N ASN A 104 9.47 1.75 5.33
CA ASN A 104 9.36 0.82 6.48
C ASN A 104 7.92 0.30 6.59
N PHE A 105 7.01 0.93 5.89
CA PHE A 105 5.60 0.46 5.93
C PHE A 105 5.22 -0.22 4.62
N LEU A 106 5.05 0.54 3.56
CA LEU A 106 4.69 -0.08 2.26
C LEU A 106 5.67 -1.20 1.93
N MET A 107 6.91 -1.04 2.29
CA MET A 107 7.91 -2.10 2.01
C MET A 107 7.97 -3.09 3.19
N HIS A 108 7.13 -2.90 4.17
CA HIS A 108 7.13 -3.82 5.35
C HIS A 108 6.22 -3.26 6.44
N PRO A 109 4.94 -3.39 6.21
CA PRO A 109 3.94 -2.90 7.19
C PRO A 109 3.90 -3.80 8.42
N LYS A 110 3.07 -4.82 8.40
CA LYS A 110 2.99 -5.74 9.57
C LYS A 110 2.75 -4.94 10.87
N PHE A 1 0.87 -19.42 -9.30
CA PHE A 1 0.28 -18.87 -8.04
C PHE A 1 -1.03 -18.14 -8.35
N THR A 2 -1.37 -17.15 -7.57
CA THR A 2 -2.63 -16.40 -7.82
C THR A 2 -2.47 -14.93 -7.44
N ILE A 3 -1.86 -14.66 -6.31
CA ILE A 3 -1.67 -13.26 -5.88
C ILE A 3 -0.39 -13.15 -5.05
N ALA A 4 -0.33 -13.84 -3.94
CA ALA A 4 0.89 -13.77 -3.08
C ALA A 4 0.99 -15.04 -2.22
N GLN A 5 1.58 -16.08 -2.75
CA GLN A 5 1.72 -17.33 -1.96
C GLN A 5 3.16 -17.52 -1.49
N GLY A 6 3.91 -16.44 -1.39
CA GLY A 6 5.32 -16.56 -0.94
C GLY A 6 5.70 -15.30 -0.14
N LYS A 7 4.72 -14.64 0.42
CA LYS A 7 5.03 -13.41 1.22
C LYS A 7 4.66 -13.63 2.69
N GLY A 8 4.55 -14.86 3.10
CA GLY A 8 4.19 -15.14 4.52
C GLY A 8 2.99 -14.27 4.91
N GLN A 9 3.23 -13.12 5.48
CA GLN A 9 2.09 -12.23 5.86
C GLN A 9 1.99 -11.07 4.87
N LYS A 10 1.41 -11.30 3.74
CA LYS A 10 1.28 -10.21 2.71
C LYS A 10 0.47 -9.04 3.27
N LEU A 11 -0.32 -8.42 2.44
CA LEU A 11 -1.13 -7.25 2.89
C LEU A 11 -2.42 -7.72 3.58
N CYS A 12 -2.84 -8.93 3.32
CA CYS A 12 -4.10 -9.42 3.96
C CYS A 12 -3.77 -10.08 5.31
N GLU A 13 -2.66 -10.75 5.41
CA GLU A 13 -2.30 -11.40 6.70
C GLU A 13 -2.24 -10.34 7.82
N ILE A 14 -1.32 -9.43 7.73
CA ILE A 14 -1.21 -8.38 8.77
C ILE A 14 -2.55 -7.65 8.92
N GLU A 15 -3.43 -8.18 9.72
CA GLU A 15 -4.76 -7.55 9.91
C GLU A 15 -4.65 -6.05 10.17
N ARG A 16 -3.59 -5.62 10.79
CA ARG A 16 -3.43 -4.16 11.09
C ARG A 16 -3.91 -3.31 9.90
N ILE A 17 -3.22 -3.39 8.78
CA ILE A 17 -3.63 -2.57 7.60
C ILE A 17 -4.94 -3.09 7.01
N HIS A 18 -5.07 -4.38 6.84
CA HIS A 18 -6.33 -4.93 6.25
C HIS A 18 -7.55 -4.35 6.99
N PHE A 19 -7.52 -4.38 8.30
CA PHE A 19 -8.66 -3.83 9.08
C PHE A 19 -8.87 -2.35 8.72
N PHE A 20 -7.88 -1.53 8.95
CA PHE A 20 -8.04 -0.09 8.60
C PHE A 20 -8.61 0.06 7.19
N LEU A 21 -8.45 -0.93 6.36
CA LEU A 21 -8.98 -0.86 4.97
C LEU A 21 -10.49 -1.12 4.96
N SER A 22 -10.97 -1.87 5.91
CA SER A 22 -12.44 -2.17 5.96
C SER A 22 -13.25 -0.89 6.21
N LYS A 23 -13.12 0.08 5.35
CA LYS A 23 -13.87 1.35 5.54
C LYS A 23 -14.65 1.71 4.27
N LYS A 24 -14.31 1.11 3.16
CA LYS A 24 -15.04 1.43 1.88
C LYS A 24 -14.73 2.86 1.43
N LYS A 25 -13.86 3.00 0.46
CA LYS A 25 -13.51 4.36 -0.02
C LYS A 25 -13.32 4.35 -1.54
N THR A 26 -14.36 4.60 -2.29
CA THR A 26 -14.23 4.60 -3.77
C THR A 26 -13.01 5.41 -4.20
N ASP A 27 -12.91 6.64 -3.76
CA ASP A 27 -11.73 7.47 -4.14
C ASP A 27 -10.46 6.66 -3.91
N GLU A 28 -10.27 6.19 -2.71
CA GLU A 28 -9.06 5.38 -2.41
C GLU A 28 -9.08 4.10 -3.26
N LEU A 29 -10.10 3.29 -3.10
CA LEU A 29 -10.19 2.03 -3.90
C LEU A 29 -9.75 2.30 -5.35
N ARG A 30 -10.00 3.48 -5.83
CA ARG A 30 -9.61 3.80 -7.24
C ARG A 30 -8.09 3.95 -7.34
N ASN A 31 -7.57 5.09 -7.00
CA ASN A 31 -6.08 5.29 -7.09
C ASN A 31 -5.34 4.06 -6.57
N LEU A 32 -5.94 3.32 -5.68
CA LEU A 32 -5.26 2.12 -5.12
C LEU A 32 -5.07 1.04 -6.20
N HIS A 33 -6.13 0.42 -6.63
CA HIS A 33 -6.02 -0.65 -7.66
C HIS A 33 -5.83 -0.04 -9.05
N LYS A 34 -6.32 1.14 -9.28
CA LYS A 34 -6.17 1.77 -10.62
C LYS A 34 -4.69 2.03 -10.92
N LEU A 35 -3.90 2.31 -9.91
CA LEU A 35 -2.46 2.57 -10.15
C LEU A 35 -1.63 1.39 -9.65
N LEU A 36 -1.83 1.01 -8.42
CA LEU A 36 -1.06 -0.14 -7.86
C LEU A 36 -1.28 -1.40 -8.71
N TYR A 37 -2.51 -1.78 -8.89
CA TYR A 37 -2.79 -3.00 -9.71
C TYR A 37 -3.15 -2.61 -11.15
N ASN A 38 -3.22 -1.34 -11.43
CA ASN A 38 -3.57 -0.91 -12.81
C ASN A 38 -4.90 -1.53 -13.25
N ARG A 39 -5.95 -1.29 -12.51
CA ARG A 39 -7.27 -1.87 -12.89
C ARG A 39 -8.40 -1.23 -12.08
N PRO A 40 -8.91 -0.14 -12.58
CA PRO A 40 -10.01 0.57 -11.90
C PRO A 40 -11.31 -0.20 -12.09
N GLY A 41 -11.45 -1.32 -11.44
CA GLY A 41 -12.68 -2.13 -11.58
C GLY A 41 -13.77 -1.61 -10.65
N THR A 42 -13.99 -2.29 -9.55
CA THR A 42 -15.05 -1.83 -8.59
C THR A 42 -14.46 -1.74 -7.17
N VAL A 43 -15.22 -2.14 -6.20
CA VAL A 43 -14.73 -2.08 -4.80
C VAL A 43 -14.63 -3.48 -4.20
N SER A 44 -15.53 -4.36 -4.58
CA SER A 44 -15.50 -5.75 -4.03
C SER A 44 -14.27 -6.51 -4.55
N SER A 45 -13.95 -6.35 -5.80
CA SER A 45 -12.76 -7.06 -6.35
C SER A 45 -11.52 -6.24 -6.02
N LEU A 46 -11.48 -5.02 -6.48
CA LEU A 46 -10.31 -4.15 -6.19
C LEU A 46 -9.87 -4.34 -4.74
N LYS A 47 -10.78 -4.24 -3.82
CA LYS A 47 -10.42 -4.42 -2.39
C LYS A 47 -9.82 -5.81 -2.18
N LYS A 48 -10.50 -6.83 -2.63
CA LYS A 48 -9.96 -8.22 -2.45
C LYS A 48 -8.46 -8.24 -2.80
N ASN A 49 -8.06 -7.46 -3.76
CA ASN A 49 -6.62 -7.43 -4.13
C ASN A 49 -5.90 -6.29 -3.41
N VAL A 50 -6.61 -5.25 -3.06
CA VAL A 50 -5.96 -4.11 -2.36
C VAL A 50 -5.15 -4.63 -1.16
N GLY A 51 -5.72 -5.53 -0.41
CA GLY A 51 -4.99 -6.08 0.77
C GLY A 51 -4.25 -7.35 0.35
N GLN A 52 -4.25 -7.66 -0.91
CA GLN A 52 -3.55 -8.89 -1.38
C GLN A 52 -2.92 -8.65 -2.76
N PHE A 53 -1.94 -7.79 -2.84
CA PHE A 53 -1.29 -7.51 -4.15
C PHE A 53 0.08 -8.19 -4.21
N SER A 54 0.56 -8.67 -3.10
CA SER A 54 1.89 -9.34 -3.10
C SER A 54 2.99 -8.34 -3.48
N GLY A 55 3.89 -8.06 -2.59
CA GLY A 55 4.97 -7.09 -2.92
C GLY A 55 5.15 -6.11 -1.75
N PHE A 56 4.08 -5.73 -1.11
CA PHE A 56 4.20 -4.77 0.02
C PHE A 56 5.23 -5.29 1.05
N PRO A 57 4.87 -6.30 1.81
CA PRO A 57 5.81 -6.85 2.81
C PRO A 57 6.87 -7.73 2.11
N PHE A 58 7.49 -7.22 1.07
CA PHE A 58 8.51 -8.04 0.35
C PHE A 58 9.92 -7.82 0.93
N GLU A 59 10.91 -7.63 0.09
CA GLU A 59 12.29 -7.42 0.60
C GLU A 59 12.78 -6.01 0.28
N LYS A 60 14.04 -5.76 0.48
CA LYS A 60 14.59 -4.40 0.19
C LYS A 60 15.92 -4.53 -0.55
N GLY A 61 16.76 -3.53 -0.50
CA GLY A 61 18.07 -3.58 -1.21
C GLY A 61 17.88 -4.19 -2.60
N SER A 62 16.70 -4.06 -3.16
CA SER A 62 16.46 -4.63 -4.52
C SER A 62 16.07 -3.52 -5.51
N VAL A 63 16.13 -3.81 -6.78
CA VAL A 63 15.77 -2.78 -7.80
C VAL A 63 14.52 -2.01 -7.36
N GLN A 64 13.52 -2.70 -6.88
CA GLN A 64 12.28 -2.01 -6.43
C GLN A 64 12.65 -0.95 -5.41
N TYR A 65 13.65 -1.23 -4.62
CA TYR A 65 14.10 -0.26 -3.60
C TYR A 65 14.28 1.12 -4.24
N LYS A 66 15.27 1.27 -5.07
CA LYS A 66 15.49 2.58 -5.73
C LYS A 66 14.15 3.13 -6.23
N LYS A 67 13.37 2.30 -6.88
CA LYS A 67 12.05 2.75 -7.37
C LYS A 67 11.29 3.43 -6.24
N LYS A 68 11.02 2.71 -5.17
CA LYS A 68 10.29 3.33 -4.03
C LYS A 68 10.88 4.71 -3.74
N GLU A 69 12.18 4.82 -3.65
CA GLU A 69 12.80 6.14 -3.37
C GLU A 69 12.09 7.24 -4.17
N GLU A 70 12.14 7.18 -5.48
CA GLU A 70 11.47 8.23 -6.30
C GLU A 70 9.95 7.98 -6.37
N MET A 71 9.56 6.81 -6.77
CA MET A 71 8.10 6.51 -6.89
C MET A 71 7.38 6.83 -5.58
N LEU A 72 7.95 6.45 -4.47
CA LEU A 72 7.29 6.75 -3.16
C LEU A 72 7.31 8.25 -2.90
N LYS A 73 8.28 8.95 -3.41
CA LYS A 73 8.32 10.42 -3.18
C LYS A 73 7.04 11.06 -3.72
N LYS A 74 6.88 11.10 -5.01
CA LYS A 74 5.64 11.70 -5.58
C LYS A 74 4.42 11.10 -4.87
N PHE A 75 4.36 9.80 -4.78
CA PHE A 75 3.21 9.16 -4.08
C PHE A 75 3.18 9.64 -2.63
N ARG A 76 4.31 9.94 -2.08
CA ARG A 76 4.33 10.44 -0.68
C ARG A 76 3.28 11.52 -0.53
N ASN A 77 3.34 12.51 -1.38
CA ASN A 77 2.33 13.60 -1.30
C ASN A 77 0.93 13.05 -1.57
N ALA A 78 0.68 12.59 -2.77
CA ALA A 78 -0.68 12.05 -3.09
C ALA A 78 -0.95 10.73 -2.37
N MET A 79 -0.25 9.69 -2.73
CA MET A 79 -0.48 8.36 -2.10
C MET A 79 -0.77 8.49 -0.59
N LEU A 80 0.09 9.13 0.16
CA LEU A 80 -0.18 9.26 1.62
C LEU A 80 -1.54 9.91 1.86
N LYS A 81 -1.80 11.04 1.24
CA LYS A 81 -3.12 11.70 1.47
C LYS A 81 -4.24 10.67 1.50
N SER A 82 -4.44 9.95 0.43
CA SER A 82 -5.51 8.92 0.41
C SER A 82 -5.07 7.66 1.18
N ILE A 83 -3.99 7.05 0.77
CA ILE A 83 -3.52 5.83 1.47
C ILE A 83 -3.41 6.09 2.98
N CYS A 84 -2.52 6.96 3.38
CA CYS A 84 -2.37 7.25 4.83
C CYS A 84 -3.75 7.39 5.48
N GLU A 85 -4.63 8.15 4.89
CA GLU A 85 -5.99 8.31 5.48
C GLU A 85 -6.57 6.95 5.85
N VAL A 86 -6.24 5.93 5.10
CA VAL A 86 -6.77 4.57 5.41
C VAL A 86 -5.67 3.52 5.24
N LEU A 87 -4.59 3.66 5.96
CA LEU A 87 -3.48 2.68 5.84
C LEU A 87 -2.86 2.41 7.21
N ASP A 88 -3.59 1.83 8.12
CA ASP A 88 -3.04 1.55 9.47
C ASP A 88 -2.32 2.78 10.01
N LEU A 89 -2.82 3.95 9.71
CA LEU A 89 -2.17 5.20 10.21
C LEU A 89 -3.22 6.27 10.46
N GLU A 90 -2.84 7.36 11.08
CA GLU A 90 -3.82 8.44 11.35
C GLU A 90 -3.24 9.79 10.90
N ARG A 91 -2.44 9.79 9.86
CA ARG A 91 -1.85 11.07 9.38
C ARG A 91 -0.93 11.66 10.45
N SER A 92 0.34 11.34 10.39
CA SER A 92 1.29 11.87 11.40
C SER A 92 2.72 11.78 10.89
N GLY A 93 3.54 12.77 11.18
CA GLY A 93 4.95 12.74 10.70
C GLY A 93 5.19 13.88 9.71
N VAL A 94 6.41 14.26 9.50
CA VAL A 94 6.71 15.36 8.55
C VAL A 94 7.16 14.80 7.20
N ASN A 95 7.47 15.65 6.27
CA ASN A 95 7.90 15.17 4.93
C ASN A 95 8.92 14.03 5.07
N SER A 96 10.03 14.28 5.71
CA SER A 96 11.06 13.21 5.88
C SER A 96 10.44 11.99 6.55
N GLU A 97 9.53 12.19 7.46
CA GLU A 97 8.90 11.03 8.15
C GLU A 97 7.94 10.31 7.21
N LEU A 98 7.47 10.98 6.19
CA LEU A 98 6.53 10.32 5.24
C LEU A 98 7.28 9.36 4.33
N VAL A 99 8.12 9.88 3.45
CA VAL A 99 8.88 8.98 2.54
C VAL A 99 9.54 7.86 3.35
N LYS A 100 10.15 8.20 4.45
CA LYS A 100 10.80 7.16 5.30
C LYS A 100 9.75 6.15 5.78
N ARG A 101 8.53 6.59 5.92
CA ARG A 101 7.46 5.66 6.40
C ARG A 101 7.18 4.57 5.36
N ILE A 102 7.16 4.92 4.10
CA ILE A 102 6.90 3.89 3.06
C ILE A 102 8.07 2.90 2.99
N LEU A 103 9.25 3.36 3.28
CA LEU A 103 10.43 2.44 3.25
C LEU A 103 10.36 1.45 4.41
N ASN A 104 9.69 1.81 5.46
CA ASN A 104 9.56 0.88 6.62
C ASN A 104 8.17 0.25 6.65
N PHE A 105 7.24 0.81 5.93
CA PHE A 105 5.85 0.24 5.93
C PHE A 105 5.53 -0.38 4.57
N LEU A 106 5.45 0.42 3.54
CA LEU A 106 5.15 -0.13 2.19
C LEU A 106 6.15 -1.24 1.85
N MET A 107 7.40 -1.02 2.17
CA MET A 107 8.43 -2.06 1.88
C MET A 107 8.37 -3.16 2.96
N HIS A 108 7.57 -2.96 3.96
CA HIS A 108 7.46 -3.98 5.05
C HIS A 108 6.53 -3.47 6.15
N PRO A 109 5.25 -3.68 5.97
CA PRO A 109 4.26 -3.23 6.97
C PRO A 109 4.34 -4.07 8.25
N LYS A 110 3.55 -5.10 8.36
CA LYS A 110 3.61 -5.95 9.58
C LYS A 110 3.23 -5.14 10.81
N PHE A 1 -9.28 -18.25 -5.04
CA PHE A 1 -8.21 -17.35 -5.54
C PHE A 1 -6.84 -17.81 -5.00
N THR A 2 -5.80 -17.11 -5.33
CA THR A 2 -4.44 -17.51 -4.85
C THR A 2 -3.43 -16.39 -5.13
N ILE A 3 -3.58 -15.27 -4.47
CA ILE A 3 -2.62 -14.15 -4.70
C ILE A 3 -1.43 -14.28 -3.75
N ALA A 4 -1.67 -14.69 -2.54
CA ALA A 4 -0.54 -14.84 -1.57
C ALA A 4 -0.49 -16.26 -1.01
N GLN A 5 0.26 -17.12 -1.64
CA GLN A 5 0.35 -18.53 -1.16
C GLN A 5 1.66 -18.73 -0.39
N GLY A 6 2.55 -17.79 -0.46
CA GLY A 6 3.84 -17.94 0.27
C GLY A 6 4.35 -16.54 0.67
N LYS A 7 3.48 -15.56 0.66
CA LYS A 7 3.91 -14.19 1.05
C LYS A 7 4.07 -14.10 2.58
N GLY A 8 3.68 -15.12 3.28
CA GLY A 8 3.80 -15.09 4.77
C GLY A 8 2.57 -14.39 5.36
N GLN A 9 2.53 -13.09 5.29
CA GLN A 9 1.36 -12.36 5.85
C GLN A 9 0.80 -11.37 4.82
N LYS A 10 1.44 -11.28 3.68
CA LYS A 10 0.97 -10.34 2.60
C LYS A 10 0.23 -9.13 3.18
N LEU A 11 -0.83 -8.71 2.54
CA LEU A 11 -1.59 -7.54 3.05
C LEU A 11 -2.87 -7.97 3.76
N CYS A 12 -3.27 -9.19 3.59
CA CYS A 12 -4.51 -9.67 4.26
C CYS A 12 -4.19 -10.21 5.65
N GLU A 13 -3.19 -11.05 5.77
CA GLU A 13 -2.82 -11.59 7.10
C GLU A 13 -2.77 -10.45 8.12
N ILE A 14 -1.81 -9.58 7.99
CA ILE A 14 -1.72 -8.44 8.96
C ILE A 14 -3.10 -7.81 9.14
N GLU A 15 -3.28 -7.03 10.17
CA GLU A 15 -4.62 -6.41 10.41
C GLU A 15 -4.54 -4.88 10.35
N ARG A 16 -3.63 -4.29 11.07
CA ARG A 16 -3.51 -2.80 11.05
C ARG A 16 -3.70 -2.27 9.64
N ILE A 17 -2.77 -2.53 8.77
CA ILE A 17 -2.89 -2.03 7.36
C ILE A 17 -3.97 -2.81 6.60
N HIS A 18 -4.15 -4.07 6.89
CA HIS A 18 -5.20 -4.86 6.18
C HIS A 18 -6.59 -4.32 6.52
N PHE A 19 -7.00 -4.45 7.75
CA PHE A 19 -8.35 -3.95 8.13
C PHE A 19 -8.55 -2.52 7.61
N PHE A 20 -7.75 -1.59 8.04
CA PHE A 20 -7.91 -0.19 7.57
C PHE A 20 -8.16 -0.17 6.06
N LEU A 21 -7.68 -1.15 5.35
CA LEU A 21 -7.89 -1.17 3.88
C LEU A 21 -9.20 -1.90 3.54
N SER A 22 -9.59 -2.84 4.34
CA SER A 22 -10.85 -3.58 4.05
C SER A 22 -12.07 -2.67 4.26
N LYS A 23 -11.85 -1.47 4.72
CA LYS A 23 -12.99 -0.54 4.95
C LYS A 23 -13.80 -0.37 3.66
N LYS A 24 -13.24 -0.73 2.54
CA LYS A 24 -13.98 -0.59 1.25
C LYS A 24 -14.32 0.88 1.00
N LYS A 25 -13.60 1.52 0.11
CA LYS A 25 -13.88 2.95 -0.18
C LYS A 25 -14.13 3.15 -1.67
N THR A 26 -13.99 4.35 -2.16
CA THR A 26 -14.22 4.63 -3.60
C THR A 26 -13.06 5.46 -4.16
N ASP A 27 -12.77 6.57 -3.53
CA ASP A 27 -11.65 7.42 -4.02
C ASP A 27 -10.31 6.76 -3.70
N GLU A 28 -10.16 6.29 -2.49
CA GLU A 28 -8.87 5.63 -2.11
C GLU A 28 -8.58 4.50 -3.10
N LEU A 29 -9.51 3.60 -3.28
CA LEU A 29 -9.30 2.47 -4.23
C LEU A 29 -9.05 3.02 -5.64
N ARG A 30 -9.64 4.13 -5.96
CA ARG A 30 -9.46 4.72 -7.31
C ARG A 30 -7.97 4.92 -7.62
N ASN A 31 -7.24 5.55 -6.74
CA ASN A 31 -5.79 5.77 -7.00
C ASN A 31 -4.96 4.56 -6.58
N LEU A 32 -5.26 3.98 -5.45
CA LEU A 32 -4.49 2.80 -4.99
C LEU A 32 -4.47 1.73 -6.08
N HIS A 33 -5.61 1.31 -6.53
CA HIS A 33 -5.67 0.26 -7.59
C HIS A 33 -5.27 0.86 -8.94
N LYS A 34 -5.42 2.15 -9.10
CA LYS A 34 -5.06 2.78 -10.40
C LYS A 34 -3.61 2.47 -10.77
N LEU A 35 -2.72 2.52 -9.80
CA LEU A 35 -1.29 2.21 -10.11
C LEU A 35 -0.90 0.87 -9.49
N LEU A 36 -1.30 0.63 -8.28
CA LEU A 36 -0.97 -0.67 -7.61
C LEU A 36 -1.46 -1.84 -8.48
N TYR A 37 -2.72 -1.86 -8.79
CA TYR A 37 -3.25 -2.99 -9.61
C TYR A 37 -3.54 -2.53 -11.05
N ASN A 38 -3.33 -1.27 -11.33
CA ASN A 38 -3.60 -0.77 -12.70
C ASN A 38 -5.02 -1.16 -13.14
N ARG A 39 -5.97 -1.13 -12.23
CA ARG A 39 -7.36 -1.50 -12.60
C ARG A 39 -8.35 -0.56 -11.89
N PRO A 40 -9.61 -0.74 -12.20
CA PRO A 40 -10.67 0.10 -11.59
C PRO A 40 -10.88 -0.31 -10.13
N GLY A 41 -11.01 -1.58 -9.86
CA GLY A 41 -11.23 -2.03 -8.47
C GLY A 41 -12.68 -2.46 -8.27
N THR A 42 -12.91 -3.72 -8.01
CA THR A 42 -14.30 -4.19 -7.80
C THR A 42 -14.49 -4.62 -6.35
N VAL A 43 -15.66 -4.44 -5.80
CA VAL A 43 -15.89 -4.86 -4.38
C VAL A 43 -15.21 -6.20 -4.09
N SER A 44 -15.35 -7.15 -4.98
CA SER A 44 -14.72 -8.48 -4.75
C SER A 44 -13.21 -8.42 -5.02
N SER A 45 -12.79 -7.62 -5.97
CA SER A 45 -11.34 -7.53 -6.27
C SER A 45 -10.71 -6.46 -5.40
N LEU A 46 -11.19 -5.25 -5.52
CA LEU A 46 -10.65 -4.14 -4.70
C LEU A 46 -10.49 -4.58 -3.24
N LYS A 47 -11.40 -5.39 -2.75
CA LYS A 47 -11.30 -5.85 -1.35
C LYS A 47 -10.22 -6.95 -1.24
N LYS A 48 -10.28 -7.93 -2.10
CA LYS A 48 -9.26 -9.01 -2.04
C LYS A 48 -7.91 -8.49 -2.57
N ASN A 49 -7.86 -8.11 -3.82
CA ASN A 49 -6.57 -7.60 -4.39
C ASN A 49 -5.88 -6.66 -3.39
N VAL A 50 -6.57 -5.67 -2.91
CA VAL A 50 -5.94 -4.73 -1.94
C VAL A 50 -5.33 -5.51 -0.76
N GLY A 51 -6.13 -6.20 0.00
CA GLY A 51 -5.60 -6.97 1.14
C GLY A 51 -4.80 -8.17 0.63
N GLN A 52 -4.83 -8.41 -0.66
CA GLN A 52 -4.07 -9.57 -1.21
C GLN A 52 -3.36 -9.17 -2.51
N PHE A 53 -2.32 -8.39 -2.41
CA PHE A 53 -1.58 -7.97 -3.63
C PHE A 53 -0.28 -8.77 -3.75
N SER A 54 0.13 -9.41 -2.68
CA SER A 54 1.39 -10.21 -2.73
C SER A 54 2.56 -9.32 -3.16
N GLY A 55 3.01 -8.46 -2.29
CA GLY A 55 4.15 -7.57 -2.65
C GLY A 55 4.41 -6.57 -1.53
N PHE A 56 3.37 -6.06 -0.92
CA PHE A 56 3.56 -5.08 0.18
C PHE A 56 4.66 -5.55 1.14
N PRO A 57 4.39 -6.59 1.89
CA PRO A 57 5.39 -7.12 2.85
C PRO A 57 6.48 -7.91 2.10
N PHE A 58 7.04 -7.35 1.05
CA PHE A 58 8.10 -8.11 0.30
C PHE A 58 9.50 -7.72 0.79
N GLU A 59 10.43 -7.52 -0.12
CA GLU A 59 11.81 -7.15 0.31
C GLU A 59 12.20 -5.77 -0.20
N LYS A 60 13.46 -5.44 -0.09
CA LYS A 60 13.94 -4.11 -0.57
C LYS A 60 15.33 -4.26 -1.19
N GLY A 61 16.04 -3.17 -1.35
CA GLY A 61 17.40 -3.25 -1.94
C GLY A 61 17.32 -3.83 -3.36
N SER A 62 16.14 -3.91 -3.91
CA SER A 62 16.00 -4.46 -5.29
C SER A 62 15.62 -3.35 -6.27
N VAL A 63 15.66 -3.64 -7.55
CA VAL A 63 15.29 -2.59 -8.56
C VAL A 63 13.96 -1.96 -8.17
N GLN A 64 12.99 -2.75 -7.82
CA GLN A 64 11.67 -2.19 -7.43
C GLN A 64 11.83 -1.30 -6.20
N TYR A 65 12.58 -1.73 -5.23
CA TYR A 65 12.78 -0.91 -4.01
C TYR A 65 13.17 0.52 -4.40
N LYS A 66 14.18 0.67 -5.23
CA LYS A 66 14.58 2.05 -5.65
C LYS A 66 13.35 2.78 -6.18
N LYS A 67 12.58 2.12 -7.00
CA LYS A 67 11.34 2.75 -7.55
C LYS A 67 10.62 3.45 -6.39
N LYS A 68 10.22 2.70 -5.40
CA LYS A 68 9.53 3.33 -4.25
C LYS A 68 10.27 4.58 -3.83
N GLU A 69 11.57 4.55 -3.80
CA GLU A 69 12.34 5.77 -3.41
C GLU A 69 11.74 6.99 -4.11
N GLU A 70 11.77 7.02 -5.41
CA GLU A 70 11.19 8.19 -6.14
C GLU A 70 9.66 8.11 -6.18
N MET A 71 9.14 7.00 -6.61
CA MET A 71 7.65 6.86 -6.69
C MET A 71 7.01 7.20 -5.34
N LEU A 72 7.57 6.71 -4.27
CA LEU A 72 6.99 7.00 -2.92
C LEU A 72 7.13 8.49 -2.60
N LYS A 73 8.14 9.14 -3.12
CA LYS A 73 8.30 10.59 -2.81
C LYS A 73 7.07 11.35 -3.34
N LYS A 74 6.94 11.44 -4.64
CA LYS A 74 5.77 12.15 -5.21
C LYS A 74 4.50 11.59 -4.56
N PHE A 75 4.40 10.30 -4.47
CA PHE A 75 3.22 9.69 -3.82
C PHE A 75 3.15 10.16 -2.37
N ARG A 76 4.29 10.37 -1.77
CA ARG A 76 4.31 10.84 -0.36
C ARG A 76 3.29 11.98 -0.23
N ASN A 77 3.39 12.96 -1.08
CA ASN A 77 2.42 14.09 -1.01
C ASN A 77 1.00 13.59 -1.33
N ALA A 78 0.77 13.16 -2.54
CA ALA A 78 -0.60 12.68 -2.91
C ALA A 78 -0.93 11.33 -2.24
N MET A 79 -0.21 10.30 -2.58
CA MET A 79 -0.48 8.96 -1.97
C MET A 79 -0.85 9.10 -0.50
N LEU A 80 0.01 9.66 0.30
CA LEU A 80 -0.32 9.80 1.75
C LEU A 80 -1.70 10.45 1.90
N LYS A 81 -1.96 11.50 1.16
CA LYS A 81 -3.29 12.16 1.27
C LYS A 81 -4.39 11.10 1.32
N SER A 82 -4.62 10.43 0.22
CA SER A 82 -5.68 9.37 0.20
C SER A 82 -5.23 8.15 1.03
N ILE A 83 -4.09 7.60 0.73
CA ILE A 83 -3.61 6.42 1.49
C ILE A 83 -3.79 6.65 2.99
N CYS A 84 -3.06 7.58 3.55
CA CYS A 84 -3.20 7.85 5.02
C CYS A 84 -4.68 7.84 5.41
N GLU A 85 -5.51 8.45 4.61
CA GLU A 85 -6.96 8.47 4.95
C GLU A 85 -7.46 7.04 5.19
N VAL A 86 -6.83 6.07 4.58
CA VAL A 86 -7.26 4.66 4.79
C VAL A 86 -6.04 3.73 4.93
N LEU A 87 -4.91 4.26 5.30
CA LEU A 87 -3.70 3.41 5.47
C LEU A 87 -3.27 3.35 6.93
N ASP A 88 -4.10 2.80 7.78
CA ASP A 88 -3.72 2.73 9.22
C ASP A 88 -3.18 4.08 9.69
N LEU A 89 -3.79 5.15 9.27
CA LEU A 89 -3.30 6.50 9.69
C LEU A 89 -4.44 7.53 9.64
N GLU A 90 -4.11 8.78 9.61
CA GLU A 90 -5.16 9.84 9.55
C GLU A 90 -4.51 11.22 9.40
N ARG A 91 -3.41 11.29 8.71
CA ARG A 91 -2.72 12.61 8.53
C ARG A 91 -1.52 12.44 7.59
N SER A 92 -0.44 13.12 7.86
CA SER A 92 0.76 12.99 6.98
C SER A 92 2.03 12.84 7.82
N GLY A 93 2.61 13.94 8.24
CA GLY A 93 3.84 13.86 9.06
C GLY A 93 4.90 14.80 8.49
N VAL A 94 6.07 14.30 8.23
CA VAL A 94 7.15 15.17 7.67
C VAL A 94 7.71 14.56 6.37
N ASN A 95 7.98 15.38 5.39
CA ASN A 95 8.52 14.85 4.11
C ASN A 95 9.54 13.75 4.36
N SER A 96 10.52 14.00 5.19
CA SER A 96 11.55 12.96 5.47
C SER A 96 10.92 11.78 6.20
N GLU A 97 10.41 12.00 7.39
CA GLU A 97 9.78 10.88 8.15
C GLU A 97 8.68 10.22 7.33
N LEU A 98 8.11 10.92 6.39
CA LEU A 98 7.02 10.32 5.56
C LEU A 98 7.60 9.28 4.60
N VAL A 99 8.43 9.72 3.69
CA VAL A 99 9.04 8.76 2.72
C VAL A 99 9.58 7.54 3.48
N LYS A 100 10.45 7.78 4.44
CA LYS A 100 11.01 6.65 5.23
C LYS A 100 9.86 5.78 5.76
N ARG A 101 8.72 6.36 5.97
CA ARG A 101 7.57 5.57 6.48
C ARG A 101 7.10 4.55 5.44
N ILE A 102 7.01 4.94 4.20
CA ILE A 102 6.56 3.98 3.15
C ILE A 102 7.56 2.82 3.05
N LEU A 103 8.81 3.08 3.33
CA LEU A 103 9.82 1.99 3.26
C LEU A 103 9.74 1.13 4.52
N ASN A 104 9.24 1.68 5.60
CA ASN A 104 9.14 0.89 6.86
C ASN A 104 7.78 0.17 6.93
N PHE A 105 6.81 0.64 6.19
CA PHE A 105 5.48 -0.03 6.22
C PHE A 105 5.15 -0.66 4.87
N LEU A 106 4.96 0.13 3.85
CA LEU A 106 4.64 -0.44 2.51
C LEU A 106 5.72 -1.45 2.11
N MET A 107 6.87 -1.38 2.71
CA MET A 107 7.95 -2.35 2.38
C MET A 107 7.78 -3.58 3.27
N HIS A 108 7.36 -3.38 4.48
CA HIS A 108 7.16 -4.52 5.42
C HIS A 108 6.27 -4.08 6.58
N PRO A 109 4.99 -4.26 6.41
CA PRO A 109 4.02 -3.87 7.45
C PRO A 109 4.13 -4.78 8.68
N LYS A 110 3.39 -5.86 8.71
CA LYS A 110 3.45 -6.78 9.88
C LYS A 110 2.82 -6.12 11.11
N PHE A 1 -7.58 -15.91 -6.27
CA PHE A 1 -6.85 -15.09 -7.28
C PHE A 1 -5.37 -15.48 -7.32
N THR A 2 -4.52 -14.59 -7.76
CA THR A 2 -3.07 -14.90 -7.81
C THR A 2 -2.26 -13.60 -7.80
N ILE A 3 -2.56 -12.72 -6.89
CA ILE A 3 -1.82 -11.42 -6.83
C ILE A 3 -0.47 -11.62 -6.13
N ALA A 4 -0.41 -12.46 -5.16
CA ALA A 4 0.88 -12.69 -4.44
C ALA A 4 0.89 -14.06 -3.75
N GLN A 5 2.01 -14.74 -3.78
CA GLN A 5 2.09 -16.07 -3.13
C GLN A 5 3.54 -16.39 -2.76
N GLY A 6 4.18 -15.51 -2.04
CA GLY A 6 5.60 -15.76 -1.64
C GLY A 6 6.07 -14.66 -0.70
N LYS A 7 5.57 -13.46 -0.87
CA LYS A 7 5.99 -12.33 0.01
C LYS A 7 6.11 -12.81 1.46
N GLY A 8 5.34 -13.79 1.84
CA GLY A 8 5.40 -14.30 3.24
C GLY A 8 4.05 -14.09 3.92
N GLN A 9 3.87 -12.95 4.54
CA GLN A 9 2.57 -12.68 5.21
C GLN A 9 1.60 -11.98 4.25
N LYS A 10 2.10 -11.40 3.20
CA LYS A 10 1.20 -10.72 2.23
C LYS A 10 0.39 -9.63 2.94
N LEU A 11 -0.16 -8.70 2.20
CA LEU A 11 -0.95 -7.61 2.82
C LEU A 11 -2.29 -8.15 3.37
N CYS A 12 -2.60 -9.38 3.08
CA CYS A 12 -3.90 -9.96 3.56
C CYS A 12 -3.71 -10.64 4.93
N GLU A 13 -2.69 -11.45 5.08
CA GLU A 13 -2.50 -12.13 6.39
C GLU A 13 -2.46 -11.09 7.51
N ILE A 14 -1.71 -10.03 7.33
CA ILE A 14 -1.65 -8.99 8.37
C ILE A 14 -3.01 -8.27 8.46
N GLU A 15 -3.70 -8.44 9.56
CA GLU A 15 -5.04 -7.80 9.71
C GLU A 15 -4.91 -6.27 9.85
N ARG A 16 -3.85 -5.80 10.43
CA ARG A 16 -3.68 -4.33 10.61
C ARG A 16 -4.16 -3.58 9.36
N ILE A 17 -3.43 -3.68 8.28
CA ILE A 17 -3.85 -2.97 7.03
C ILE A 17 -5.22 -3.50 6.58
N HIS A 18 -5.44 -4.78 6.71
CA HIS A 18 -6.75 -5.35 6.28
C HIS A 18 -7.90 -4.60 6.97
N PHE A 19 -7.69 -4.18 8.18
CA PHE A 19 -8.77 -3.43 8.91
C PHE A 19 -8.90 -2.00 8.36
N PHE A 20 -7.90 -1.19 8.57
CA PHE A 20 -7.97 0.22 8.07
C PHE A 20 -8.45 0.24 6.61
N LEU A 21 -8.29 -0.84 5.90
CA LEU A 21 -8.73 -0.87 4.48
C LEU A 21 -10.19 -1.29 4.38
N SER A 22 -10.66 -2.07 5.32
CA SER A 22 -12.09 -2.53 5.28
C SER A 22 -13.01 -1.39 4.80
N LYS A 23 -12.65 -0.17 5.09
CA LYS A 23 -13.49 0.98 4.66
C LYS A 23 -13.05 1.48 3.28
N LYS A 24 -12.79 0.57 2.37
CA LYS A 24 -12.35 0.99 1.01
C LYS A 24 -13.22 2.14 0.50
N LYS A 25 -12.62 3.11 -0.12
CA LYS A 25 -13.42 4.26 -0.66
C LYS A 25 -13.05 4.53 -2.11
N THR A 26 -14.01 4.87 -2.93
CA THR A 26 -13.71 5.14 -4.37
C THR A 26 -12.51 6.06 -4.51
N ASP A 27 -12.45 7.12 -3.73
CA ASP A 27 -11.28 8.05 -3.83
C ASP A 27 -10.00 7.24 -3.65
N GLU A 28 -9.87 6.56 -2.54
CA GLU A 28 -8.65 5.75 -2.28
C GLU A 28 -8.60 4.57 -3.25
N LEU A 29 -9.66 3.82 -3.32
CA LEU A 29 -9.69 2.64 -4.24
C LEU A 29 -9.37 3.08 -5.68
N ARG A 30 -9.60 4.31 -5.99
CA ARG A 30 -9.32 4.79 -7.38
C ARG A 30 -7.81 4.99 -7.59
N ASN A 31 -7.23 5.97 -6.95
CA ASN A 31 -5.77 6.21 -7.12
C ASN A 31 -4.96 4.93 -6.87
N LEU A 32 -5.36 4.16 -5.90
CA LEU A 32 -4.60 2.90 -5.59
C LEU A 32 -4.87 1.84 -6.66
N HIS A 33 -6.05 1.29 -6.69
CA HIS A 33 -6.37 0.24 -7.69
C HIS A 33 -6.05 0.71 -9.11
N LYS A 34 -6.01 2.00 -9.34
CA LYS A 34 -5.71 2.49 -10.71
C LYS A 34 -4.21 2.39 -11.00
N LEU A 35 -3.38 2.53 -10.00
CA LEU A 35 -1.92 2.43 -10.24
C LEU A 35 -1.39 1.13 -9.64
N LEU A 36 -1.66 0.89 -8.38
CA LEU A 36 -1.18 -0.35 -7.73
C LEU A 36 -1.75 -1.58 -8.44
N TYR A 37 -3.05 -1.67 -8.56
CA TYR A 37 -3.64 -2.85 -9.24
C TYR A 37 -3.99 -2.52 -10.69
N ASN A 38 -3.76 -1.30 -11.10
CA ASN A 38 -4.07 -0.92 -12.52
C ASN A 38 -5.34 -1.61 -13.01
N ARG A 39 -6.41 -1.53 -12.25
CA ARG A 39 -7.68 -2.19 -12.67
C ARG A 39 -8.88 -1.33 -12.27
N PRO A 40 -10.03 -1.75 -12.70
CA PRO A 40 -11.28 -1.01 -12.39
C PRO A 40 -11.66 -1.22 -10.92
N GLY A 41 -11.24 -2.30 -10.33
CA GLY A 41 -11.58 -2.55 -8.90
C GLY A 41 -12.83 -3.44 -8.80
N THR A 42 -12.68 -4.61 -8.26
CA THR A 42 -13.86 -5.52 -8.12
C THR A 42 -13.90 -6.09 -6.70
N VAL A 43 -15.07 -6.44 -6.22
CA VAL A 43 -15.18 -6.99 -4.84
C VAL A 43 -14.01 -7.94 -4.53
N SER A 44 -13.74 -8.87 -5.41
CA SER A 44 -12.62 -9.82 -5.19
C SER A 44 -11.28 -9.07 -5.12
N SER A 45 -11.05 -8.19 -6.04
CA SER A 45 -9.76 -7.42 -6.03
C SER A 45 -9.84 -6.31 -4.99
N LEU A 46 -10.80 -5.43 -5.14
CA LEU A 46 -10.99 -4.31 -4.18
C LEU A 46 -10.55 -4.70 -2.76
N LYS A 47 -11.25 -5.60 -2.14
CA LYS A 47 -10.87 -6.00 -0.75
C LYS A 47 -9.59 -6.84 -0.76
N LYS A 48 -9.57 -7.92 -1.48
CA LYS A 48 -8.35 -8.78 -1.51
C LYS A 48 -7.14 -7.99 -1.99
N ASN A 49 -7.11 -7.64 -3.26
CA ASN A 49 -5.95 -6.87 -3.79
C ASN A 49 -5.50 -5.79 -2.79
N VAL A 50 -6.37 -4.86 -2.51
CA VAL A 50 -5.99 -3.77 -1.55
C VAL A 50 -5.22 -4.36 -0.36
N GLY A 51 -5.64 -5.49 0.13
CA GLY A 51 -4.94 -6.11 1.29
C GLY A 51 -4.31 -7.43 0.85
N GLN A 52 -3.85 -7.50 -0.36
CA GLN A 52 -3.22 -8.77 -0.84
C GLN A 52 -2.39 -8.52 -2.10
N PHE A 53 -1.33 -7.75 -1.98
CA PHE A 53 -0.48 -7.47 -3.18
C PHE A 53 0.83 -8.24 -3.08
N SER A 54 1.69 -8.10 -4.05
CA SER A 54 2.98 -8.82 -4.01
C SER A 54 4.14 -7.82 -4.01
N GLY A 55 4.19 -6.96 -3.03
CA GLY A 55 5.29 -5.96 -3.00
C GLY A 55 5.41 -5.36 -1.59
N PHE A 56 4.31 -5.06 -0.96
CA PHE A 56 4.38 -4.46 0.41
C PHE A 56 5.24 -5.33 1.34
N PRO A 57 4.72 -6.46 1.75
CA PRO A 57 5.51 -7.34 2.66
C PRO A 57 6.68 -7.96 1.91
N PHE A 58 7.56 -7.15 1.37
CA PHE A 58 8.72 -7.70 0.63
C PHE A 58 10.04 -7.24 1.27
N GLU A 59 11.10 -7.16 0.51
CA GLU A 59 12.41 -6.74 1.11
C GLU A 59 12.86 -5.39 0.56
N LYS A 60 14.15 -5.16 0.49
CA LYS A 60 14.66 -3.86 -0.02
C LYS A 60 15.98 -4.07 -0.76
N GLY A 61 16.61 -3.01 -1.19
CA GLY A 61 17.90 -3.15 -1.92
C GLY A 61 17.66 -3.79 -3.29
N SER A 62 16.42 -3.91 -3.68
CA SER A 62 16.11 -4.53 -5.01
C SER A 62 15.57 -3.47 -5.98
N VAL A 63 15.60 -3.75 -7.26
CA VAL A 63 15.09 -2.76 -8.24
C VAL A 63 13.77 -2.14 -7.73
N GLN A 64 12.87 -2.95 -7.28
CA GLN A 64 11.58 -2.42 -6.76
C GLN A 64 11.85 -1.40 -5.66
N TYR A 65 12.61 -1.78 -4.67
CA TYR A 65 12.91 -0.84 -3.55
C TYR A 65 13.31 0.53 -4.13
N LYS A 66 13.98 0.55 -5.24
CA LYS A 66 14.38 1.86 -5.84
C LYS A 66 13.12 2.62 -6.27
N LYS A 67 12.20 1.95 -6.90
CA LYS A 67 10.95 2.62 -7.34
C LYS A 67 10.33 3.34 -6.14
N LYS A 68 9.98 2.62 -5.12
CA LYS A 68 9.38 3.26 -3.91
C LYS A 68 10.14 4.54 -3.58
N GLU A 69 11.45 4.49 -3.57
CA GLU A 69 12.22 5.73 -3.25
C GLU A 69 11.62 6.92 -4.01
N GLU A 70 11.67 6.89 -5.31
CA GLU A 70 11.10 8.03 -6.10
C GLU A 70 9.56 7.97 -6.12
N MET A 71 9.01 6.86 -6.52
CA MET A 71 7.53 6.74 -6.58
C MET A 71 6.89 7.13 -5.24
N LEU A 72 7.45 6.68 -4.15
CA LEU A 72 6.87 7.03 -2.82
C LEU A 72 7.00 8.53 -2.58
N LYS A 73 8.02 9.15 -3.11
CA LYS A 73 8.17 10.62 -2.90
C LYS A 73 6.94 11.35 -3.47
N LYS A 74 6.82 11.39 -4.77
CA LYS A 74 5.65 12.08 -5.37
C LYS A 74 4.37 11.56 -4.69
N PHE A 75 4.23 10.28 -4.59
CA PHE A 75 3.03 9.71 -3.92
C PHE A 75 3.00 10.20 -2.48
N ARG A 76 4.14 10.43 -1.89
CA ARG A 76 4.17 10.92 -0.49
C ARG A 76 3.17 12.05 -0.36
N ASN A 77 3.29 13.06 -1.17
CA ASN A 77 2.32 14.19 -1.10
C ASN A 77 0.91 13.71 -1.45
N ALA A 78 0.70 13.29 -2.68
CA ALA A 78 -0.66 12.82 -3.08
C ALA A 78 -1.04 11.51 -2.39
N MET A 79 -0.36 10.44 -2.73
CA MET A 79 -0.69 9.12 -2.11
C MET A 79 -1.03 9.26 -0.63
N LEU A 80 -0.12 9.75 0.16
CA LEU A 80 -0.44 9.88 1.61
C LEU A 80 -1.80 10.55 1.78
N LYS A 81 -2.06 11.59 1.03
CA LYS A 81 -3.39 12.24 1.15
C LYS A 81 -4.48 11.17 1.21
N SER A 82 -4.65 10.43 0.15
CA SER A 82 -5.69 9.36 0.14
C SER A 82 -5.20 8.13 0.92
N ILE A 83 -4.17 7.47 0.43
CA ILE A 83 -3.66 6.26 1.14
C ILE A 83 -3.58 6.51 2.64
N CYS A 84 -2.68 7.36 3.08
CA CYS A 84 -2.57 7.64 4.53
C CYS A 84 -3.97 7.82 5.13
N GLU A 85 -4.82 8.57 4.48
CA GLU A 85 -6.20 8.75 5.02
C GLU A 85 -6.77 7.41 5.45
N VAL A 86 -6.43 6.35 4.76
CA VAL A 86 -6.96 5.00 5.13
C VAL A 86 -5.97 3.91 4.72
N LEU A 87 -4.80 3.91 5.29
CA LEU A 87 -3.81 2.86 4.94
C LEU A 87 -3.14 2.33 6.21
N ASP A 88 -3.89 2.23 7.28
CA ASP A 88 -3.29 1.72 8.55
C ASP A 88 -2.20 2.68 9.03
N LEU A 89 -2.38 3.96 8.82
CA LEU A 89 -1.34 4.94 9.27
C LEU A 89 -1.97 6.04 10.13
N GLU A 90 -1.27 7.13 10.32
CA GLU A 90 -1.83 8.24 11.15
C GLU A 90 -1.39 9.60 10.59
N ARG A 91 -0.80 9.61 9.43
CA ARG A 91 -0.35 10.91 8.83
C ARG A 91 0.31 11.78 9.90
N SER A 92 1.55 11.53 10.20
CA SER A 92 2.25 12.35 11.24
C SER A 92 3.76 12.33 11.01
N GLY A 93 4.33 13.45 10.67
CA GLY A 93 5.80 13.49 10.43
C GLY A 93 6.12 14.55 9.37
N VAL A 94 7.36 14.67 9.00
CA VAL A 94 7.73 15.69 7.97
C VAL A 94 8.04 15.01 6.63
N ASN A 95 8.43 15.78 5.65
CA ASN A 95 8.73 15.16 4.31
C ASN A 95 9.71 14.01 4.47
N SER A 96 10.77 14.20 5.22
CA SER A 96 11.77 13.11 5.41
C SER A 96 11.12 11.92 6.12
N GLU A 97 10.62 12.12 7.30
CA GLU A 97 9.98 11.00 8.05
C GLU A 97 8.82 10.41 7.24
N LEU A 98 8.21 11.19 6.39
CA LEU A 98 7.09 10.67 5.57
C LEU A 98 7.60 9.63 4.57
N VAL A 99 8.55 10.01 3.75
CA VAL A 99 9.09 9.05 2.77
C VAL A 99 9.69 7.84 3.51
N LYS A 100 10.66 8.08 4.36
CA LYS A 100 11.27 6.95 5.12
C LYS A 100 10.18 6.06 5.71
N ARG A 101 9.06 6.63 6.06
CA ARG A 101 7.96 5.82 6.65
C ARG A 101 7.45 4.78 5.64
N ILE A 102 7.18 5.20 4.43
CA ILE A 102 6.69 4.21 3.42
C ILE A 102 7.72 3.10 3.23
N LEU A 103 8.98 3.42 3.39
CA LEU A 103 10.03 2.39 3.23
C LEU A 103 9.93 1.37 4.37
N ASN A 104 9.39 1.78 5.49
CA ASN A 104 9.26 0.84 6.64
C ASN A 104 7.91 0.11 6.57
N PHE A 105 6.99 0.63 5.80
CA PHE A 105 5.65 -0.03 5.70
C PHE A 105 5.56 -0.81 4.39
N LEU A 106 5.74 -0.14 3.28
CA LEU A 106 5.65 -0.84 1.97
C LEU A 106 6.75 -1.91 1.87
N MET A 107 7.69 -1.89 2.78
CA MET A 107 8.78 -2.90 2.76
C MET A 107 8.42 -4.03 3.74
N HIS A 108 7.41 -3.81 4.54
CA HIS A 108 6.97 -4.84 5.52
C HIS A 108 5.89 -4.24 6.43
N PRO A 109 4.67 -4.37 5.99
CA PRO A 109 3.52 -3.82 6.77
C PRO A 109 3.31 -4.61 8.05
N LYS A 110 3.00 -5.87 7.96
CA LYS A 110 2.77 -6.69 9.18
C LYS A 110 1.51 -6.24 9.90
N PHE A 1 -5.67 -17.06 -8.77
CA PHE A 1 -4.86 -15.83 -9.01
C PHE A 1 -3.38 -16.13 -8.70
N THR A 2 -2.55 -15.11 -8.73
CA THR A 2 -1.11 -15.33 -8.45
C THR A 2 -0.48 -14.04 -7.92
N ILE A 3 -0.99 -13.52 -6.84
CA ILE A 3 -0.42 -12.26 -6.28
C ILE A 3 0.69 -12.57 -5.27
N ALA A 4 0.48 -13.53 -4.41
CA ALA A 4 1.52 -13.87 -3.40
C ALA A 4 1.28 -15.27 -2.84
N GLN A 5 2.15 -16.19 -3.11
CA GLN A 5 1.97 -17.58 -2.58
C GLN A 5 3.18 -18.00 -1.74
N GLY A 6 4.00 -17.06 -1.35
CA GLY A 6 5.19 -17.40 -0.53
C GLY A 6 5.54 -16.21 0.36
N LYS A 7 4.59 -15.37 0.66
CA LYS A 7 4.87 -14.20 1.52
C LYS A 7 4.50 -14.50 2.98
N GLY A 8 5.45 -14.43 3.87
CA GLY A 8 5.13 -14.71 5.30
C GLY A 8 3.84 -13.98 5.68
N GLN A 9 3.68 -12.77 5.21
CA GLN A 9 2.45 -12.00 5.53
C GLN A 9 2.30 -10.84 4.55
N LYS A 10 1.85 -11.11 3.35
CA LYS A 10 1.70 -10.02 2.34
C LYS A 10 0.73 -8.94 2.82
N LEU A 11 0.09 -8.27 1.90
CA LEU A 11 -0.88 -7.19 2.27
C LEU A 11 -2.16 -7.76 2.88
N CYS A 12 -2.47 -9.00 2.59
CA CYS A 12 -3.71 -9.60 3.14
C CYS A 12 -3.45 -10.22 4.52
N GLU A 13 -2.36 -10.91 4.67
CA GLU A 13 -2.04 -11.53 5.98
C GLU A 13 -2.10 -10.47 7.09
N ILE A 14 -1.19 -9.53 7.06
CA ILE A 14 -1.19 -8.48 8.12
C ILE A 14 -2.58 -7.81 8.18
N GLU A 15 -3.46 -8.34 8.98
CA GLU A 15 -4.83 -7.78 9.09
C GLU A 15 -4.80 -6.28 9.38
N ARG A 16 -3.80 -5.81 10.08
CA ARG A 16 -3.72 -4.35 10.41
C ARG A 16 -4.17 -3.50 9.21
N ILE A 17 -3.38 -3.46 8.17
CA ILE A 17 -3.76 -2.65 6.98
C ILE A 17 -5.03 -3.22 6.34
N HIS A 18 -5.14 -4.51 6.26
CA HIS A 18 -6.35 -5.12 5.65
C HIS A 18 -7.63 -4.58 6.31
N PHE A 19 -7.57 -4.32 7.59
CA PHE A 19 -8.78 -3.78 8.30
C PHE A 19 -8.99 -2.31 7.93
N PHE A 20 -8.06 -1.46 8.26
CA PHE A 20 -8.23 0.00 7.95
C PHE A 20 -8.83 0.19 6.55
N LEU A 21 -8.64 -0.76 5.67
CA LEU A 21 -9.20 -0.62 4.30
C LEU A 21 -10.49 -1.44 4.15
N SER A 22 -10.60 -2.52 4.86
CA SER A 22 -11.84 -3.35 4.76
C SER A 22 -13.08 -2.45 4.72
N LYS A 23 -13.02 -1.33 5.36
CA LYS A 23 -14.20 -0.41 5.37
C LYS A 23 -14.65 -0.12 3.93
N LYS A 24 -13.79 -0.32 2.97
CA LYS A 24 -14.18 -0.05 1.55
C LYS A 24 -14.49 1.43 1.36
N LYS A 25 -13.58 2.16 0.78
CA LYS A 25 -13.82 3.62 0.57
C LYS A 25 -14.20 3.88 -0.90
N THR A 26 -14.19 5.12 -1.31
CA THR A 26 -14.54 5.45 -2.72
C THR A 26 -13.41 6.25 -3.36
N ASP A 27 -13.07 7.37 -2.79
CA ASP A 27 -11.97 8.20 -3.36
C ASP A 27 -10.65 7.45 -3.24
N GLU A 28 -10.32 6.98 -2.06
CA GLU A 28 -9.05 6.22 -1.89
C GLU A 28 -9.07 4.97 -2.76
N LEU A 29 -10.05 4.13 -2.57
CA LEU A 29 -10.14 2.89 -3.38
C LEU A 29 -9.99 3.21 -4.87
N ARG A 30 -10.41 4.39 -5.26
CA ARG A 30 -10.30 4.76 -6.71
C ARG A 30 -8.83 4.90 -7.11
N ASN A 31 -8.17 5.94 -6.66
CA ASN A 31 -6.74 6.12 -7.04
C ASN A 31 -5.93 4.86 -6.72
N LEU A 32 -6.27 4.16 -5.68
CA LEU A 32 -5.51 2.93 -5.32
C LEU A 32 -5.78 1.82 -6.33
N HIS A 33 -6.97 1.28 -6.32
CA HIS A 33 -7.32 0.19 -7.28
C HIS A 33 -7.09 0.65 -8.72
N LYS A 34 -7.11 1.93 -8.97
CA LYS A 34 -6.91 2.42 -10.36
C LYS A 34 -5.43 2.64 -10.66
N LEU A 35 -4.64 2.97 -9.67
CA LEU A 35 -3.19 3.18 -9.93
C LEU A 35 -2.37 2.01 -9.41
N LEU A 36 -2.49 1.72 -8.14
CA LEU A 36 -1.71 0.58 -7.56
C LEU A 36 -2.06 -0.71 -8.29
N TYR A 37 -3.31 -1.06 -8.34
CA TYR A 37 -3.70 -2.33 -9.03
C TYR A 37 -4.08 -2.05 -10.49
N ASN A 38 -4.14 -0.80 -10.88
CA ASN A 38 -4.51 -0.49 -12.30
C ASN A 38 -5.65 -1.41 -12.76
N ARG A 39 -6.65 -1.56 -11.95
CA ARG A 39 -7.80 -2.46 -12.34
C ARG A 39 -9.13 -1.83 -11.94
N PRO A 40 -10.18 -2.43 -12.45
CA PRO A 40 -11.55 -1.94 -12.16
C PRO A 40 -11.95 -2.31 -10.73
N GLY A 41 -12.07 -1.34 -9.87
CA GLY A 41 -12.44 -1.63 -8.45
C GLY A 41 -13.59 -2.64 -8.41
N THR A 42 -13.31 -3.86 -8.05
CA THR A 42 -14.39 -4.89 -7.99
C THR A 42 -14.49 -5.45 -6.57
N VAL A 43 -15.68 -5.63 -6.07
CA VAL A 43 -15.84 -6.17 -4.67
C VAL A 43 -14.76 -7.20 -4.36
N SER A 44 -14.50 -8.10 -5.28
CA SER A 44 -13.46 -9.14 -5.03
C SER A 44 -12.06 -8.49 -5.08
N SER A 45 -11.83 -7.66 -6.06
CA SER A 45 -10.50 -6.99 -6.14
C SER A 45 -10.42 -5.92 -5.06
N LEU A 46 -11.32 -4.98 -5.11
CA LEU A 46 -11.36 -3.89 -4.10
C LEU A 46 -10.86 -4.40 -2.74
N LYS A 47 -11.54 -5.36 -2.18
CA LYS A 47 -11.11 -5.90 -0.86
C LYS A 47 -9.80 -6.68 -0.99
N LYS A 48 -9.85 -7.86 -1.56
CA LYS A 48 -8.62 -8.68 -1.70
C LYS A 48 -7.48 -7.87 -2.34
N ASN A 49 -7.63 -7.48 -3.58
CA ASN A 49 -6.55 -6.71 -4.26
C ASN A 49 -5.94 -5.67 -3.30
N VAL A 50 -6.72 -4.75 -2.82
CA VAL A 50 -6.17 -3.74 -1.88
C VAL A 50 -5.27 -4.41 -0.84
N GLY A 51 -5.62 -5.61 -0.45
CA GLY A 51 -4.79 -6.33 0.56
C GLY A 51 -4.02 -7.46 -0.12
N GLN A 52 -3.90 -7.40 -1.42
CA GLN A 52 -3.17 -8.49 -2.14
C GLN A 52 -2.65 -7.97 -3.48
N PHE A 53 -1.64 -7.13 -3.46
CA PHE A 53 -1.10 -6.59 -4.74
C PHE A 53 0.13 -7.38 -5.18
N SER A 54 1.15 -7.43 -4.37
CA SER A 54 2.38 -8.19 -4.75
C SER A 54 3.10 -8.70 -3.51
N GLY A 55 4.03 -7.92 -2.99
CA GLY A 55 4.77 -8.38 -1.77
C GLY A 55 5.24 -7.16 -0.97
N PHE A 56 4.35 -6.24 -0.70
CA PHE A 56 4.74 -5.03 0.08
C PHE A 56 5.72 -5.38 1.20
N PRO A 57 5.34 -6.35 2.00
CA PRO A 57 6.21 -6.78 3.13
C PRO A 57 7.39 -7.62 2.62
N PHE A 58 8.10 -7.14 1.63
CA PHE A 58 9.25 -7.94 1.10
C PHE A 58 10.57 -7.49 1.77
N GLU A 59 11.62 -7.32 1.01
CA GLU A 59 12.92 -6.89 1.61
C GLU A 59 13.30 -5.49 1.15
N LYS A 60 14.41 -4.99 1.61
CA LYS A 60 14.86 -3.64 1.19
C LYS A 60 16.36 -3.66 0.84
N GLY A 61 16.99 -2.52 0.80
CA GLY A 61 18.45 -2.48 0.48
C GLY A 61 18.70 -3.10 -0.89
N SER A 62 17.67 -3.30 -1.66
CA SER A 62 17.87 -3.91 -3.02
C SER A 62 17.58 -2.88 -4.11
N VAL A 63 18.14 -3.07 -5.28
CA VAL A 63 17.89 -2.09 -6.38
C VAL A 63 16.40 -1.72 -6.44
N GLN A 64 15.54 -2.69 -6.36
CA GLN A 64 14.08 -2.39 -6.40
C GLN A 64 13.68 -1.52 -5.22
N TYR A 65 14.25 -1.75 -4.08
CA TYR A 65 13.92 -0.93 -2.88
C TYR A 65 14.22 0.54 -3.16
N LYS A 66 15.44 0.86 -3.50
CA LYS A 66 15.78 2.29 -3.79
C LYS A 66 14.75 2.86 -4.75
N LYS A 67 14.46 2.15 -5.81
CA LYS A 67 13.44 2.65 -6.78
C LYS A 67 12.20 3.10 -6.03
N LYS A 68 11.57 2.21 -5.31
CA LYS A 68 10.36 2.60 -4.54
C LYS A 68 10.58 3.93 -3.83
N GLU A 69 11.61 4.04 -3.03
CA GLU A 69 11.88 5.32 -2.31
C GLU A 69 11.57 6.53 -3.21
N GLU A 70 11.97 6.49 -4.45
CA GLU A 70 11.72 7.64 -5.36
C GLU A 70 10.25 7.68 -5.81
N MET A 71 9.81 6.69 -6.53
CA MET A 71 8.39 6.68 -7.00
C MET A 71 7.45 6.89 -5.81
N LEU A 72 7.73 6.26 -4.71
CA LEU A 72 6.85 6.43 -3.52
C LEU A 72 7.00 7.85 -2.98
N LYS A 73 8.09 8.51 -3.27
CA LYS A 73 8.27 9.91 -2.77
C LYS A 73 7.17 10.80 -3.37
N LYS A 74 7.16 10.93 -4.67
CA LYS A 74 6.10 11.77 -5.30
C LYS A 74 4.74 11.31 -4.77
N PHE A 75 4.49 10.03 -4.82
CA PHE A 75 3.20 9.50 -4.31
C PHE A 75 3.15 9.68 -2.80
N ARG A 76 4.28 9.86 -2.17
CA ARG A 76 4.28 10.04 -0.70
C ARG A 76 3.36 11.21 -0.35
N ASN A 77 3.52 12.31 -1.03
CA ASN A 77 2.64 13.47 -0.74
C ASN A 77 1.22 13.17 -1.23
N ALA A 78 1.10 12.74 -2.45
CA ALA A 78 -0.27 12.44 -2.99
C ALA A 78 -0.79 11.10 -2.47
N MET A 79 -0.20 10.02 -2.90
CA MET A 79 -0.66 8.68 -2.43
C MET A 79 -0.97 8.69 -0.94
N LEU A 80 -0.02 9.05 -0.11
CA LEU A 80 -0.32 9.05 1.35
C LEU A 80 -1.58 9.86 1.62
N LYS A 81 -1.73 11.00 0.99
CA LYS A 81 -2.98 11.79 1.21
C LYS A 81 -4.18 10.84 1.22
N SER A 82 -4.39 10.13 0.14
CA SER A 82 -5.53 9.17 0.09
C SER A 82 -5.16 7.89 0.84
N ILE A 83 -4.12 7.21 0.41
CA ILE A 83 -3.71 5.96 1.10
C ILE A 83 -3.68 6.18 2.61
N CYS A 84 -2.77 7.00 3.08
CA CYS A 84 -2.71 7.26 4.56
C CYS A 84 -4.12 7.46 5.10
N GLU A 85 -4.93 8.21 4.41
CA GLU A 85 -6.33 8.43 4.89
C GLU A 85 -6.97 7.08 5.23
N VAL A 86 -6.53 6.02 4.59
CA VAL A 86 -7.11 4.68 4.87
C VAL A 86 -6.07 3.59 4.59
N LEU A 87 -4.99 3.60 5.32
CA LEU A 87 -3.95 2.55 5.10
C LEU A 87 -3.24 2.22 6.42
N ASP A 88 -3.99 1.97 7.46
CA ASP A 88 -3.36 1.65 8.77
C ASP A 88 -2.53 2.84 9.27
N LEU A 89 -2.96 4.03 8.97
CA LEU A 89 -2.21 5.23 9.43
C LEU A 89 -3.16 6.38 9.73
N GLU A 90 -2.65 7.51 10.14
CA GLU A 90 -3.53 8.67 10.44
C GLU A 90 -2.90 9.96 9.91
N ARG A 91 -1.94 9.85 9.03
CA ARG A 91 -1.30 11.07 8.47
C ARG A 91 -0.52 11.81 9.56
N SER A 92 0.77 11.75 9.52
CA SER A 92 1.59 12.45 10.55
C SER A 92 3.08 12.32 10.22
N GLY A 93 3.78 13.42 10.11
CA GLY A 93 5.24 13.36 9.80
C GLY A 93 5.58 14.43 8.76
N VAL A 94 6.83 14.54 8.40
CA VAL A 94 7.23 15.57 7.38
C VAL A 94 7.54 14.89 6.05
N ASN A 95 7.69 15.66 5.01
CA ASN A 95 8.00 15.07 3.67
C ASN A 95 9.03 13.95 3.82
N SER A 96 10.22 14.28 4.25
CA SER A 96 11.27 13.24 4.42
C SER A 96 10.71 12.06 5.22
N GLU A 97 9.86 12.32 6.17
CA GLU A 97 9.27 11.22 6.97
C GLU A 97 8.25 10.44 6.15
N LEU A 98 7.65 11.09 5.18
CA LEU A 98 6.64 10.39 4.33
C LEU A 98 7.34 9.27 3.55
N VAL A 99 8.36 9.61 2.81
CA VAL A 99 9.08 8.56 2.04
C VAL A 99 9.58 7.48 3.00
N LYS A 100 10.41 7.84 3.94
CA LYS A 100 10.91 6.82 4.91
C LYS A 100 9.73 5.97 5.40
N ARG A 101 8.55 6.54 5.42
CA ARG A 101 7.36 5.79 5.88
C ARG A 101 7.11 4.60 4.97
N ILE A 102 7.24 4.79 3.67
CA ILE A 102 7.01 3.66 2.74
C ILE A 102 8.16 2.64 2.86
N LEU A 103 9.34 3.10 3.17
CA LEU A 103 10.50 2.17 3.32
C LEU A 103 10.32 1.35 4.60
N ASN A 104 9.57 1.85 5.54
CA ASN A 104 9.36 1.10 6.81
C ASN A 104 7.98 0.45 6.79
N PHE A 105 7.09 0.95 5.97
CA PHE A 105 5.72 0.36 5.91
C PHE A 105 5.51 -0.34 4.56
N LEU A 106 5.48 0.42 3.49
CA LEU A 106 5.28 -0.20 2.15
C LEU A 106 6.29 -1.33 1.95
N MET A 107 7.49 -1.14 2.45
CA MET A 107 8.53 -2.20 2.31
C MET A 107 8.35 -3.24 3.41
N HIS A 108 7.57 -2.93 4.41
CA HIS A 108 7.34 -3.89 5.53
C HIS A 108 6.30 -3.32 6.50
N PRO A 109 5.06 -3.53 6.17
CA PRO A 109 3.94 -3.04 7.01
C PRO A 109 3.89 -3.82 8.34
N LYS A 110 3.11 -4.86 8.41
CA LYS A 110 3.03 -5.65 9.68
C LYS A 110 2.46 -4.77 10.81
N PHE A 1 -7.05 -18.36 -7.09
CA PHE A 1 -6.54 -16.97 -7.22
C PHE A 1 -5.00 -16.97 -7.30
N THR A 2 -4.43 -15.92 -7.82
CA THR A 2 -2.94 -15.86 -7.92
C THR A 2 -2.45 -14.45 -7.62
N ILE A 3 -2.81 -13.92 -6.48
CA ILE A 3 -2.37 -12.54 -6.12
C ILE A 3 -0.99 -12.58 -5.45
N ALA A 4 -0.83 -13.40 -4.45
CA ALA A 4 0.48 -13.49 -3.76
C ALA A 4 0.61 -14.83 -3.02
N GLN A 5 1.69 -15.53 -3.23
CA GLN A 5 1.87 -16.84 -2.54
C GLN A 5 3.33 -17.00 -2.10
N GLY A 6 4.02 -15.92 -1.94
CA GLY A 6 5.44 -16.00 -1.51
C GLY A 6 5.76 -14.85 -0.54
N LYS A 7 4.75 -14.16 -0.09
CA LYS A 7 4.99 -13.03 0.86
C LYS A 7 4.69 -13.46 2.28
N GLY A 8 5.52 -13.08 3.21
CA GLY A 8 5.28 -13.47 4.63
C GLY A 8 3.81 -13.22 4.99
N GLN A 9 3.30 -12.07 4.64
CA GLN A 9 1.87 -11.77 4.96
C GLN A 9 1.28 -10.79 3.93
N LYS A 10 1.92 -10.67 2.80
CA LYS A 10 1.42 -9.75 1.72
C LYS A 10 0.64 -8.56 2.31
N LEU A 11 -0.53 -8.28 1.80
CA LEU A 11 -1.31 -7.12 2.34
C LEU A 11 -2.58 -7.62 3.05
N CYS A 12 -2.96 -8.85 2.81
CA CYS A 12 -4.20 -9.38 3.46
C CYS A 12 -3.86 -9.99 4.82
N GLU A 13 -2.90 -10.88 4.87
CA GLU A 13 -2.54 -11.51 6.17
C GLU A 13 -2.49 -10.45 7.27
N ILE A 14 -1.59 -9.50 7.16
CA ILE A 14 -1.51 -8.43 8.21
C ILE A 14 -2.92 -7.97 8.59
N GLU A 15 -3.43 -8.45 9.69
CA GLU A 15 -4.80 -8.04 10.12
C GLU A 15 -4.86 -6.54 10.40
N ARG A 16 -3.85 -6.00 11.03
CA ARG A 16 -3.87 -4.54 11.34
C ARG A 16 -3.89 -3.73 10.04
N ILE A 17 -2.90 -3.92 9.21
CA ILE A 17 -2.85 -3.16 7.93
C ILE A 17 -4.08 -3.49 7.07
N HIS A 18 -4.29 -4.74 6.76
CA HIS A 18 -5.46 -5.12 5.93
C HIS A 18 -6.75 -4.59 6.57
N PHE A 19 -6.81 -4.57 7.87
CA PHE A 19 -8.05 -4.07 8.54
C PHE A 19 -8.35 -2.63 8.10
N PHE A 20 -7.60 -1.68 8.59
CA PHE A 20 -7.84 -0.26 8.21
C PHE A 20 -8.17 -0.15 6.73
N LEU A 21 -7.70 -1.07 5.93
CA LEU A 21 -8.00 -1.02 4.47
C LEU A 21 -9.39 -1.56 4.18
N SER A 22 -9.87 -2.46 4.98
CA SER A 22 -11.23 -3.03 4.75
C SER A 22 -12.27 -1.92 4.66
N LYS A 23 -11.95 -0.74 5.13
CA LYS A 23 -12.93 0.38 5.08
C LYS A 23 -13.33 0.67 3.63
N LYS A 24 -12.44 0.49 2.69
CA LYS A 24 -12.79 0.76 1.27
C LYS A 24 -13.06 2.25 1.06
N LYS A 25 -12.08 2.97 0.57
CA LYS A 25 -12.29 4.43 0.34
C LYS A 25 -12.21 4.74 -1.16
N THR A 26 -13.27 5.27 -1.72
CA THR A 26 -13.27 5.59 -3.17
C THR A 26 -12.00 6.34 -3.56
N ASP A 27 -11.79 7.50 -3.01
CA ASP A 27 -10.56 8.28 -3.35
C ASP A 27 -9.34 7.35 -3.30
N GLU A 28 -9.12 6.71 -2.18
CA GLU A 28 -7.96 5.79 -2.05
C GLU A 28 -8.05 4.68 -3.10
N LEU A 29 -9.17 4.00 -3.16
CA LEU A 29 -9.33 2.90 -4.15
C LEU A 29 -8.99 3.40 -5.56
N ARG A 30 -9.30 4.63 -5.86
CA ARG A 30 -9.00 5.17 -7.22
C ARG A 30 -7.49 5.22 -7.46
N ASN A 31 -6.82 6.14 -6.82
CA ASN A 31 -5.34 6.24 -7.03
C ASN A 31 -4.65 4.89 -6.80
N LEU A 32 -5.13 4.13 -5.85
CA LEU A 32 -4.50 2.81 -5.56
C LEU A 32 -4.76 1.83 -6.71
N HIS A 33 -6.00 1.45 -6.91
CA HIS A 33 -6.33 0.49 -7.99
C HIS A 33 -5.95 1.08 -9.36
N LYS A 34 -5.87 2.37 -9.46
CA LYS A 34 -5.53 2.99 -10.77
C LYS A 34 -4.04 2.77 -11.10
N LEU A 35 -3.19 2.85 -10.12
CA LEU A 35 -1.74 2.62 -10.39
C LEU A 35 -1.28 1.32 -9.75
N LEU A 36 -1.67 1.09 -8.54
CA LEU A 36 -1.27 -0.17 -7.84
C LEU A 36 -1.69 -1.38 -8.67
N TYR A 37 -2.95 -1.48 -9.00
CA TYR A 37 -3.41 -2.66 -9.80
C TYR A 37 -3.71 -2.23 -11.24
N ASN A 38 -3.58 -0.97 -11.54
CA ASN A 38 -3.86 -0.51 -12.93
C ASN A 38 -5.24 -0.99 -13.38
N ARG A 39 -6.20 -0.98 -12.50
CA ARG A 39 -7.56 -1.44 -12.89
C ARG A 39 -8.62 -0.53 -12.26
N PRO A 40 -9.85 -0.76 -12.64
CA PRO A 40 -10.98 0.05 -12.12
C PRO A 40 -11.27 -0.30 -10.66
N GLY A 41 -11.37 -1.57 -10.34
CA GLY A 41 -11.66 -1.97 -8.94
C GLY A 41 -12.94 -2.81 -8.88
N THR A 42 -12.87 -4.00 -8.36
CA THR A 42 -14.08 -4.85 -8.26
C THR A 42 -14.21 -5.42 -6.85
N VAL A 43 -15.41 -5.67 -6.40
CA VAL A 43 -15.60 -6.22 -5.02
C VAL A 43 -14.52 -7.27 -4.71
N SER A 44 -14.28 -8.18 -5.62
CA SER A 44 -13.25 -9.22 -5.37
C SER A 44 -11.85 -8.60 -5.34
N SER A 45 -11.62 -7.63 -6.18
CA SER A 45 -10.28 -6.96 -6.21
C SER A 45 -10.23 -5.89 -5.13
N LEU A 46 -11.12 -4.94 -5.22
CA LEU A 46 -11.16 -3.84 -4.21
C LEU A 46 -10.81 -4.36 -2.83
N LYS A 47 -11.49 -5.36 -2.36
CA LYS A 47 -11.19 -5.92 -1.02
C LYS A 47 -9.81 -6.61 -1.01
N LYS A 48 -9.61 -7.53 -1.92
CA LYS A 48 -8.30 -8.26 -1.96
C LYS A 48 -7.17 -7.32 -2.42
N ASN A 49 -7.20 -6.91 -3.66
CA ASN A 49 -6.13 -6.01 -4.20
C ASN A 49 -5.72 -4.99 -3.14
N VAL A 50 -6.65 -4.22 -2.64
CA VAL A 50 -6.32 -3.20 -1.61
C VAL A 50 -5.52 -3.85 -0.47
N GLY A 51 -5.91 -5.02 -0.04
CA GLY A 51 -5.18 -5.69 1.06
C GLY A 51 -4.59 -7.01 0.56
N GLN A 52 -4.08 -7.02 -0.64
CA GLN A 52 -3.49 -8.28 -1.19
C GLN A 52 -2.84 -8.00 -2.55
N PHE A 53 -1.75 -7.29 -2.55
CA PHE A 53 -1.06 -6.98 -3.84
C PHE A 53 0.31 -7.65 -3.88
N SER A 54 0.75 -8.21 -2.78
CA SER A 54 2.08 -8.87 -2.76
C SER A 54 3.19 -7.83 -2.95
N GLY A 55 4.01 -7.63 -1.96
CA GLY A 55 5.11 -6.63 -2.10
C GLY A 55 5.31 -5.88 -0.78
N PHE A 56 4.23 -5.53 -0.12
CA PHE A 56 4.36 -4.79 1.17
C PHE A 56 5.34 -5.50 2.11
N PRO A 57 4.94 -6.62 2.68
CA PRO A 57 5.84 -7.36 3.61
C PRO A 57 6.94 -8.11 2.83
N PHE A 58 7.58 -7.46 1.89
CA PHE A 58 8.66 -8.15 1.12
C PHE A 58 10.05 -7.74 1.62
N GLU A 59 10.98 -7.52 0.73
CA GLU A 59 12.35 -7.12 1.17
C GLU A 59 12.65 -5.68 0.72
N LYS A 60 13.77 -5.15 1.13
CA LYS A 60 14.12 -3.76 0.73
C LYS A 60 15.58 -3.71 0.24
N GLY A 61 16.15 -4.84 -0.07
CA GLY A 61 17.57 -4.84 -0.55
C GLY A 61 17.61 -5.31 -2.01
N SER A 62 16.98 -4.59 -2.88
CA SER A 62 16.98 -4.99 -4.32
C SER A 62 16.57 -3.81 -5.21
N VAL A 63 16.75 -3.94 -6.49
CA VAL A 63 16.37 -2.82 -7.40
C VAL A 63 14.96 -2.32 -7.06
N GLN A 64 14.05 -3.22 -6.86
CA GLN A 64 12.65 -2.81 -6.52
C GLN A 64 12.65 -1.85 -5.33
N TYR A 65 13.39 -2.17 -4.30
CA TYR A 65 13.43 -1.27 -3.11
C TYR A 65 13.69 0.18 -3.56
N LYS A 66 14.86 0.46 -4.05
CA LYS A 66 15.15 1.86 -4.51
C LYS A 66 13.97 2.35 -5.35
N LYS A 67 13.51 1.54 -6.26
CA LYS A 67 12.36 1.93 -7.10
C LYS A 67 11.27 2.54 -6.21
N LYS A 68 10.78 1.78 -5.27
CA LYS A 68 9.74 2.30 -4.36
C LYS A 68 10.09 3.72 -3.92
N GLU A 69 11.21 3.91 -3.29
CA GLU A 69 11.61 5.28 -2.84
C GLU A 69 11.17 6.35 -3.84
N GLU A 70 11.39 6.12 -5.12
CA GLU A 70 11.00 7.14 -6.13
C GLU A 70 9.48 7.16 -6.34
N MET A 71 8.92 6.11 -6.87
CA MET A 71 7.45 6.07 -7.10
C MET A 71 6.71 6.43 -5.81
N LEU A 72 7.17 5.91 -4.72
CA LEU A 72 6.52 6.22 -3.42
C LEU A 72 6.70 7.71 -3.09
N LYS A 73 7.70 8.34 -3.65
CA LYS A 73 7.91 9.79 -3.36
C LYS A 73 6.73 10.61 -3.92
N LYS A 74 6.45 10.47 -5.18
CA LYS A 74 5.31 11.24 -5.75
C LYS A 74 4.03 10.87 -5.00
N PHE A 75 3.74 9.60 -4.92
CA PHE A 75 2.53 9.15 -4.20
C PHE A 75 2.67 9.47 -2.70
N ARG A 76 3.87 9.48 -2.20
CA ARG A 76 4.06 9.78 -0.75
C ARG A 76 3.23 11.03 -0.43
N ASN A 77 3.41 12.08 -1.16
CA ASN A 77 2.59 13.29 -0.88
C ASN A 77 1.11 12.99 -1.13
N ALA A 78 0.79 12.62 -2.34
CA ALA A 78 -0.64 12.33 -2.67
C ALA A 78 -1.12 11.03 -2.00
N MET A 79 -0.66 9.90 -2.49
CA MET A 79 -1.08 8.59 -1.91
C MET A 79 -1.24 8.67 -0.40
N LEU A 80 -0.20 9.04 0.32
CA LEU A 80 -0.33 9.10 1.80
C LEU A 80 -1.57 9.90 2.18
N LYS A 81 -1.76 11.05 1.59
CA LYS A 81 -2.98 11.85 1.92
C LYS A 81 -4.19 10.92 1.98
N SER A 82 -4.47 10.22 0.92
CA SER A 82 -5.63 9.29 0.92
C SER A 82 -5.28 8.02 1.70
N ILE A 83 -4.30 7.28 1.24
CA ILE A 83 -3.90 6.04 1.96
C ILE A 83 -3.89 6.28 3.48
N CYS A 84 -3.02 7.13 3.95
CA CYS A 84 -2.98 7.41 5.42
C CYS A 84 -4.41 7.57 5.94
N GLU A 85 -5.21 8.34 5.26
CA GLU A 85 -6.62 8.52 5.73
C GLU A 85 -7.20 7.16 6.10
N VAL A 86 -6.80 6.12 5.41
CA VAL A 86 -7.32 4.76 5.73
C VAL A 86 -6.23 3.71 5.51
N LEU A 87 -5.16 3.81 6.23
CA LEU A 87 -4.06 2.82 6.09
C LEU A 87 -3.33 2.69 7.42
N ASP A 88 -4.07 2.68 8.50
CA ASP A 88 -3.43 2.57 9.84
C ASP A 88 -2.56 3.81 10.09
N LEU A 89 -2.80 4.86 9.37
CA LEU A 89 -1.99 6.10 9.56
C LEU A 89 -2.88 7.30 9.88
N GLU A 90 -2.29 8.42 10.18
CA GLU A 90 -3.10 9.64 10.51
C GLU A 90 -2.34 10.90 10.13
N ARG A 91 -1.78 10.95 8.95
CA ARG A 91 -1.02 12.16 8.52
C ARG A 91 0.23 12.34 9.41
N SER A 92 1.20 13.08 8.95
CA SER A 92 2.42 13.29 9.77
C SER A 92 2.71 14.79 9.91
N GLY A 93 3.49 15.34 9.03
CA GLY A 93 3.80 16.81 9.13
C GLY A 93 5.07 17.12 8.34
N VAL A 94 6.04 16.24 8.37
CA VAL A 94 7.30 16.49 7.62
C VAL A 94 7.35 15.62 6.36
N ASN A 95 7.35 16.23 5.21
CA ASN A 95 7.38 15.44 3.95
C ASN A 95 8.44 14.33 4.05
N SER A 96 9.58 14.63 4.60
CA SER A 96 10.65 13.60 4.74
C SER A 96 10.11 12.38 5.48
N GLU A 97 9.30 12.60 6.49
CA GLU A 97 8.74 11.45 7.26
C GLU A 97 7.72 10.69 6.40
N LEU A 98 7.16 11.34 5.43
CA LEU A 98 6.17 10.64 4.56
C LEU A 98 6.87 9.59 3.71
N VAL A 99 7.79 9.99 2.87
CA VAL A 99 8.51 8.99 2.04
C VAL A 99 9.06 7.88 2.95
N LYS A 100 9.91 8.22 3.86
CA LYS A 100 10.47 7.19 4.78
C LYS A 100 9.33 6.28 5.26
N ARG A 101 8.13 6.80 5.31
CA ARG A 101 6.98 5.98 5.76
C ARG A 101 6.75 4.83 4.77
N ILE A 102 6.85 5.10 3.50
CA ILE A 102 6.63 4.00 2.51
C ILE A 102 7.74 2.97 2.64
N LEU A 103 8.92 3.40 3.01
CA LEU A 103 10.04 2.42 3.17
C LEU A 103 9.86 1.64 4.48
N ASN A 104 9.16 2.20 5.41
CA ASN A 104 8.94 1.49 6.72
C ASN A 104 7.56 0.81 6.73
N PHE A 105 6.69 1.21 5.85
CA PHE A 105 5.33 0.57 5.81
C PHE A 105 5.09 -0.12 4.47
N LEU A 106 5.10 0.63 3.40
CA LEU A 106 4.88 0.01 2.06
C LEU A 106 5.98 -1.02 1.77
N MET A 107 7.15 -0.81 2.33
CA MET A 107 8.27 -1.76 2.11
C MET A 107 8.04 -3.02 2.97
N HIS A 108 7.29 -2.88 4.02
CA HIS A 108 7.01 -4.03 4.92
C HIS A 108 6.15 -3.57 6.09
N PRO A 109 4.86 -3.69 5.93
CA PRO A 109 3.91 -3.26 6.97
C PRO A 109 3.96 -4.22 8.16
N LYS A 110 3.15 -5.24 8.16
CA LYS A 110 3.15 -6.21 9.29
C LYS A 110 2.66 -5.53 10.57
N PHE A 1 -7.93 -16.56 -3.92
CA PHE A 1 -7.18 -15.77 -4.94
C PHE A 1 -5.69 -16.09 -4.87
N THR A 2 -4.89 -15.40 -5.63
CA THR A 2 -3.42 -15.67 -5.60
C THR A 2 -2.66 -14.55 -6.31
N ILE A 3 -2.71 -13.36 -5.80
CA ILE A 3 -2.00 -12.23 -6.44
C ILE A 3 -0.56 -12.16 -5.92
N ALA A 4 -0.29 -12.81 -4.82
CA ALA A 4 1.09 -12.79 -4.25
C ALA A 4 1.60 -14.22 -4.09
N GLN A 5 2.65 -14.57 -4.78
CA GLN A 5 3.20 -15.96 -4.66
C GLN A 5 4.43 -15.98 -3.78
N GLY A 6 4.26 -16.03 -2.48
CA GLY A 6 5.44 -16.06 -1.57
C GLY A 6 5.26 -15.03 -0.45
N LYS A 7 4.20 -14.25 -0.51
CA LYS A 7 3.98 -13.23 0.55
C LYS A 7 3.13 -13.80 1.68
N GLY A 8 3.72 -14.03 2.83
CA GLY A 8 2.93 -14.57 3.96
C GLY A 8 1.89 -13.55 4.41
N GLN A 9 1.98 -12.35 3.90
CA GLN A 9 0.97 -11.31 4.28
C GLN A 9 0.41 -10.63 3.03
N LYS A 10 1.23 -10.47 2.02
CA LYS A 10 0.76 -9.83 0.76
C LYS A 10 -0.24 -8.69 1.03
N LEU A 11 -0.12 -8.05 2.16
CA LEU A 11 -1.07 -6.92 2.48
C LEU A 11 -2.48 -7.47 2.76
N CYS A 12 -2.60 -8.73 3.02
CA CYS A 12 -3.95 -9.30 3.30
C CYS A 12 -3.96 -9.99 4.68
N GLU A 13 -2.90 -10.67 5.02
CA GLU A 13 -2.85 -11.35 6.35
C GLU A 13 -2.76 -10.31 7.47
N ILE A 14 -1.85 -9.39 7.36
CA ILE A 14 -1.72 -8.34 8.42
C ILE A 14 -3.10 -7.87 8.87
N GLU A 15 -3.56 -8.36 9.99
CA GLU A 15 -4.92 -7.95 10.48
C GLU A 15 -4.97 -6.44 10.73
N ARG A 16 -3.90 -5.87 11.23
CA ARG A 16 -3.91 -4.40 11.49
C ARG A 16 -3.97 -3.62 10.18
N ILE A 17 -3.03 -3.84 9.30
CA ILE A 17 -3.04 -3.11 8.00
C ILE A 17 -4.29 -3.47 7.19
N HIS A 18 -4.55 -4.72 7.01
CA HIS A 18 -5.76 -5.14 6.23
C HIS A 18 -7.02 -4.58 6.89
N PHE A 19 -7.07 -4.56 8.19
CA PHE A 19 -8.26 -4.03 8.89
C PHE A 19 -8.56 -2.61 8.39
N PHE A 20 -7.73 -1.67 8.75
CA PHE A 20 -7.97 -0.26 8.30
C PHE A 20 -8.39 -0.24 6.83
N LEU A 21 -7.98 -1.22 6.07
CA LEU A 21 -8.36 -1.25 4.63
C LEU A 21 -9.79 -1.77 4.47
N SER A 22 -10.24 -2.61 5.37
CA SER A 22 -11.61 -3.15 5.27
C SER A 22 -12.64 -2.04 5.54
N LYS A 23 -12.60 -1.00 4.75
CA LYS A 23 -13.57 0.12 4.96
C LYS A 23 -14.41 0.33 3.70
N LYS A 24 -13.88 -0.03 2.56
CA LYS A 24 -14.66 0.14 1.29
C LYS A 24 -14.85 1.63 0.98
N LYS A 25 -14.13 2.14 0.02
CA LYS A 25 -14.28 3.59 -0.33
C LYS A 25 -14.33 3.76 -1.84
N THR A 26 -14.41 4.97 -2.31
CA THR A 26 -14.46 5.20 -3.78
C THR A 26 -13.21 5.94 -4.24
N ASP A 27 -12.99 7.12 -3.72
CA ASP A 27 -11.78 7.90 -4.12
C ASP A 27 -10.51 7.14 -3.71
N GLU A 28 -10.43 6.71 -2.49
CA GLU A 28 -9.22 5.96 -2.04
C GLU A 28 -9.01 4.74 -2.93
N LEU A 29 -9.96 3.85 -2.97
CA LEU A 29 -9.81 2.63 -3.81
C LEU A 29 -9.46 3.02 -5.24
N ARG A 30 -9.95 4.14 -5.70
CA ARG A 30 -9.65 4.58 -7.10
C ARG A 30 -8.13 4.71 -7.31
N ASN A 31 -7.52 5.69 -6.70
CA ASN A 31 -6.06 5.88 -6.87
C ASN A 31 -5.31 4.57 -6.58
N LEU A 32 -5.79 3.79 -5.65
CA LEU A 32 -5.10 2.51 -5.33
C LEU A 32 -5.30 1.49 -6.45
N HIS A 33 -6.50 1.00 -6.63
CA HIS A 33 -6.75 0.00 -7.70
C HIS A 33 -6.41 0.58 -9.08
N LYS A 34 -6.43 1.87 -9.22
CA LYS A 34 -6.12 2.48 -10.54
C LYS A 34 -4.62 2.41 -10.84
N LEU A 35 -3.80 2.43 -9.83
CA LEU A 35 -2.33 2.36 -10.07
C LEU A 35 -1.81 0.94 -9.81
N LEU A 36 -1.98 0.46 -8.60
CA LEU A 36 -1.48 -0.91 -8.26
C LEU A 36 -2.05 -1.95 -9.21
N TYR A 37 -3.35 -2.03 -9.32
CA TYR A 37 -3.95 -3.06 -10.22
C TYR A 37 -4.43 -2.42 -11.53
N ASN A 38 -4.31 -1.13 -11.67
CA ASN A 38 -4.78 -0.48 -12.92
C ASN A 38 -6.12 -1.08 -13.38
N ARG A 39 -7.02 -1.32 -12.46
CA ARG A 39 -8.33 -1.90 -12.85
C ARG A 39 -9.46 -1.19 -12.10
N PRO A 40 -10.67 -1.58 -12.42
CA PRO A 40 -11.85 -0.97 -11.76
C PRO A 40 -11.99 -1.48 -10.32
N GLY A 41 -11.78 -0.62 -9.37
CA GLY A 41 -11.90 -1.05 -7.95
C GLY A 41 -13.20 -1.82 -7.73
N THR A 42 -13.17 -3.11 -7.85
CA THR A 42 -14.42 -3.91 -7.64
C THR A 42 -14.44 -4.48 -6.22
N VAL A 43 -15.59 -4.53 -5.61
CA VAL A 43 -15.66 -5.07 -4.21
C VAL A 43 -14.77 -6.31 -4.08
N SER A 44 -14.76 -7.15 -5.07
CA SER A 44 -13.94 -8.39 -4.99
C SER A 44 -12.45 -8.05 -5.19
N SER A 45 -12.15 -7.24 -6.17
CA SER A 45 -10.73 -6.87 -6.41
C SER A 45 -10.34 -5.74 -5.46
N LEU A 46 -11.02 -4.63 -5.55
CA LEU A 46 -10.71 -3.49 -4.66
C LEU A 46 -10.41 -3.99 -3.23
N LYS A 47 -11.16 -4.96 -2.78
CA LYS A 47 -10.93 -5.49 -1.40
C LYS A 47 -9.62 -6.29 -1.37
N LYS A 48 -9.57 -7.41 -2.05
CA LYS A 48 -8.33 -8.23 -2.05
C LYS A 48 -7.18 -7.46 -2.71
N ASN A 49 -7.33 -7.10 -3.95
CA ASN A 49 -6.24 -6.35 -4.65
C ASN A 49 -5.61 -5.32 -3.70
N VAL A 50 -6.39 -4.41 -3.18
CA VAL A 50 -5.82 -3.40 -2.25
C VAL A 50 -5.00 -4.07 -1.16
N GLY A 51 -5.39 -5.25 -0.75
CA GLY A 51 -4.64 -5.95 0.33
C GLY A 51 -3.88 -7.14 -0.26
N GLN A 52 -3.65 -7.14 -1.55
CA GLN A 52 -2.92 -8.29 -2.16
C GLN A 52 -1.89 -7.79 -3.17
N PHE A 53 -1.35 -6.62 -2.97
CA PHE A 53 -0.33 -6.10 -3.93
C PHE A 53 0.87 -7.03 -3.96
N SER A 54 1.02 -7.87 -2.98
CA SER A 54 2.19 -8.80 -2.95
C SER A 54 3.48 -8.00 -3.00
N GLY A 55 3.42 -6.74 -2.69
CA GLY A 55 4.66 -5.91 -2.72
C GLY A 55 4.89 -5.27 -1.35
N PHE A 56 3.86 -5.10 -0.57
CA PHE A 56 4.04 -4.48 0.77
C PHE A 56 5.01 -5.32 1.62
N PRO A 57 4.55 -6.40 2.21
CA PRO A 57 5.46 -7.25 3.03
C PRO A 57 6.41 -8.05 2.11
N PHE A 58 7.11 -7.38 1.22
CA PHE A 58 8.04 -8.11 0.30
C PHE A 58 9.47 -8.05 0.83
N GLU A 59 10.43 -7.84 -0.06
CA GLU A 59 11.85 -7.79 0.39
C GLU A 59 12.40 -6.38 0.21
N LYS A 60 13.51 -6.07 0.85
CA LYS A 60 14.09 -4.71 0.72
C LYS A 60 15.52 -4.80 0.18
N GLY A 61 16.31 -3.77 0.37
CA GLY A 61 17.71 -3.79 -0.14
C GLY A 61 17.74 -4.38 -1.55
N SER A 62 16.67 -4.27 -2.28
CA SER A 62 16.65 -4.82 -3.67
C SER A 62 16.32 -3.73 -4.68
N VAL A 63 16.57 -3.98 -5.94
CA VAL A 63 16.28 -2.96 -6.99
C VAL A 63 14.95 -2.25 -6.69
N GLN A 64 13.94 -2.99 -6.34
CA GLN A 64 12.62 -2.36 -6.03
C GLN A 64 12.84 -1.27 -4.98
N TYR A 65 13.74 -1.52 -4.08
CA TYR A 65 14.04 -0.52 -3.03
C TYR A 65 14.18 0.87 -3.65
N LYS A 66 15.22 1.09 -4.41
CA LYS A 66 15.40 2.41 -5.06
C LYS A 66 14.07 2.85 -5.67
N LYS A 67 13.41 1.95 -6.37
CA LYS A 67 12.11 2.30 -6.99
C LYS A 67 11.25 3.05 -5.96
N LYS A 68 10.95 2.43 -4.86
CA LYS A 68 10.14 3.11 -3.82
C LYS A 68 10.73 4.49 -3.52
N GLU A 69 12.02 4.59 -3.44
CA GLU A 69 12.64 5.92 -3.15
C GLU A 69 11.94 7.01 -3.97
N GLU A 70 12.02 6.95 -5.27
CA GLU A 70 11.37 7.99 -6.11
C GLU A 70 9.85 7.79 -6.20
N MET A 71 9.42 6.61 -6.56
CA MET A 71 7.95 6.35 -6.66
C MET A 71 7.25 6.72 -5.35
N LEU A 72 7.81 6.36 -4.23
CA LEU A 72 7.16 6.70 -2.93
C LEU A 72 7.18 8.21 -2.72
N LYS A 73 8.16 8.90 -3.23
CA LYS A 73 8.20 10.38 -3.04
C LYS A 73 6.95 11.02 -3.65
N LYS A 74 6.86 11.03 -4.96
CA LYS A 74 5.66 11.62 -5.61
C LYS A 74 4.40 11.08 -4.93
N PHE A 75 4.32 9.79 -4.80
CA PHE A 75 3.14 9.17 -4.13
C PHE A 75 3.08 9.67 -2.68
N ARG A 76 4.20 9.98 -2.11
CA ARG A 76 4.21 10.48 -0.71
C ARG A 76 3.15 11.56 -0.58
N ASN A 77 3.23 12.58 -1.39
CA ASN A 77 2.22 13.67 -1.32
C ASN A 77 0.82 13.12 -1.64
N ALA A 78 0.63 12.63 -2.83
CA ALA A 78 -0.71 12.10 -3.22
C ALA A 78 -1.01 10.76 -2.54
N MET A 79 -0.31 9.73 -2.92
CA MET A 79 -0.55 8.38 -2.32
C MET A 79 -0.88 8.48 -0.83
N LEU A 80 -0.02 9.10 -0.05
CA LEU A 80 -0.32 9.21 1.41
C LEU A 80 -1.67 9.88 1.60
N LYS A 81 -1.96 10.92 0.85
CA LYS A 81 -3.27 11.60 1.00
C LYS A 81 -4.38 10.55 1.14
N SER A 82 -4.56 9.73 0.15
CA SER A 82 -5.60 8.66 0.23
C SER A 82 -5.09 7.52 1.12
N ILE A 83 -4.01 6.89 0.72
CA ILE A 83 -3.46 5.78 1.53
C ILE A 83 -3.47 6.15 3.01
N CYS A 84 -2.69 7.13 3.40
CA CYS A 84 -2.66 7.53 4.83
C CYS A 84 -4.09 7.61 5.36
N GLU A 85 -5.00 8.16 4.59
CA GLU A 85 -6.40 8.26 5.06
C GLU A 85 -6.87 6.88 5.53
N VAL A 86 -6.32 5.83 5.00
CA VAL A 86 -6.74 4.46 5.43
C VAL A 86 -5.56 3.48 5.36
N LEU A 87 -4.53 3.75 6.10
CA LEU A 87 -3.36 2.82 6.09
C LEU A 87 -2.76 2.71 7.50
N ASP A 88 -3.61 2.68 8.50
CA ASP A 88 -3.10 2.58 9.90
C ASP A 88 -2.34 3.85 10.27
N LEU A 89 -2.70 4.97 9.69
CA LEU A 89 -1.98 6.24 10.01
C LEU A 89 -2.98 7.38 10.19
N GLU A 90 -2.49 8.57 10.43
CA GLU A 90 -3.40 9.73 10.62
C GLU A 90 -2.75 11.02 10.08
N ARG A 91 -1.74 10.88 9.26
CA ARG A 91 -1.06 12.09 8.71
C ARG A 91 -0.37 12.85 9.83
N SER A 92 0.93 12.74 9.93
CA SER A 92 1.67 13.46 11.01
C SER A 92 3.17 13.16 10.92
N GLY A 93 3.86 13.81 10.02
CA GLY A 93 5.33 13.56 9.89
C GLY A 93 5.95 14.64 9.01
N VAL A 94 7.25 14.67 8.95
CA VAL A 94 7.94 15.69 8.10
C VAL A 94 8.21 15.14 6.70
N ASN A 95 8.57 16.00 5.77
CA ASN A 95 8.84 15.52 4.38
C ASN A 95 9.63 14.20 4.41
N SER A 96 10.84 14.24 4.92
CA SER A 96 11.65 12.99 4.97
C SER A 96 10.93 11.91 5.78
N GLU A 97 10.39 12.27 6.91
CA GLU A 97 9.68 11.26 7.75
C GLU A 97 8.57 10.58 6.92
N LEU A 98 7.92 11.31 6.06
CA LEU A 98 6.85 10.70 5.23
C LEU A 98 7.45 9.65 4.30
N VAL A 99 8.42 10.03 3.51
CA VAL A 99 9.05 9.04 2.59
C VAL A 99 9.59 7.87 3.40
N LYS A 100 10.43 8.12 4.36
CA LYS A 100 10.98 7.01 5.18
C LYS A 100 9.83 6.16 5.74
N ARG A 101 8.68 6.76 5.93
CA ARG A 101 7.52 5.99 6.47
C ARG A 101 7.11 4.90 5.48
N ILE A 102 7.07 5.22 4.21
CA ILE A 102 6.67 4.19 3.21
C ILE A 102 7.73 3.07 3.20
N LEU A 103 8.95 3.41 3.49
CA LEU A 103 10.02 2.37 3.52
C LEU A 103 9.77 1.42 4.69
N ASN A 104 9.07 1.89 5.69
CA ASN A 104 8.78 1.02 6.88
C ASN A 104 7.39 0.39 6.74
N PHE A 105 6.59 0.86 5.83
CA PHE A 105 5.23 0.29 5.65
C PHE A 105 5.04 -0.26 4.23
N LEU A 106 5.11 0.60 3.26
CA LEU A 106 4.93 0.15 1.84
C LEU A 106 5.95 -0.93 1.49
N MET A 107 7.12 -0.89 2.06
CA MET A 107 8.13 -1.94 1.76
C MET A 107 7.86 -3.16 2.64
N HIS A 108 7.13 -2.96 3.70
CA HIS A 108 6.79 -4.09 4.62
C HIS A 108 5.97 -3.56 5.80
N PRO A 109 4.69 -3.67 5.65
CA PRO A 109 3.74 -3.18 6.69
C PRO A 109 3.81 -4.06 7.94
N LYS A 110 3.00 -5.09 8.00
CA LYS A 110 3.01 -5.98 9.19
C LYS A 110 2.41 -5.25 10.40
N PHE A 1 -7.10 -18.80 -6.69
CA PHE A 1 -6.57 -17.54 -7.28
C PHE A 1 -5.05 -17.50 -7.16
N THR A 2 -4.45 -16.36 -7.34
CA THR A 2 -2.97 -16.26 -7.23
C THR A 2 -2.54 -14.79 -7.10
N ILE A 3 -2.56 -14.26 -5.91
CA ILE A 3 -2.16 -12.84 -5.73
C ILE A 3 -0.86 -12.76 -4.92
N ALA A 4 -0.81 -13.40 -3.79
CA ALA A 4 0.44 -13.37 -2.97
C ALA A 4 0.57 -14.66 -2.15
N GLN A 5 1.34 -15.60 -2.63
CA GLN A 5 1.51 -16.88 -1.89
C GLN A 5 2.98 -17.09 -1.52
N GLY A 6 3.73 -16.03 -1.47
CA GLY A 6 5.17 -16.16 -1.12
C GLY A 6 5.69 -14.83 -0.58
N LYS A 7 4.81 -13.98 -0.10
CA LYS A 7 5.25 -12.67 0.44
C LYS A 7 5.38 -12.74 1.97
N GLY A 8 4.74 -13.69 2.58
CA GLY A 8 4.83 -13.81 4.07
C GLY A 8 3.48 -13.46 4.68
N GLN A 9 2.99 -12.27 4.43
CA GLN A 9 1.67 -11.87 5.00
C GLN A 9 0.97 -10.88 4.07
N LYS A 10 1.44 -10.78 2.84
CA LYS A 10 0.82 -9.84 1.85
C LYS A 10 0.23 -8.60 2.55
N LEU A 11 -0.95 -8.19 2.17
CA LEU A 11 -1.56 -6.99 2.82
C LEU A 11 -2.85 -7.38 3.55
N CYS A 12 -3.34 -8.57 3.32
CA CYS A 12 -4.60 -9.00 4.01
C CYS A 12 -4.26 -9.74 5.30
N GLU A 13 -3.20 -10.50 5.30
CA GLU A 13 -2.81 -11.24 6.54
C GLU A 13 -2.69 -10.25 7.71
N ILE A 14 -1.69 -9.41 7.68
CA ILE A 14 -1.51 -8.42 8.78
C ILE A 14 -2.87 -7.81 9.15
N GLU A 15 -3.51 -8.35 10.15
CA GLU A 15 -4.85 -7.82 10.56
C GLU A 15 -4.76 -6.33 10.94
N ARG A 16 -3.68 -5.92 11.53
CA ARG A 16 -3.55 -4.48 11.90
C ARG A 16 -3.57 -3.60 10.64
N ILE A 17 -2.62 -3.81 9.77
CA ILE A 17 -2.57 -3.01 8.51
C ILE A 17 -3.77 -3.36 7.63
N HIS A 18 -4.10 -4.62 7.53
CA HIS A 18 -5.27 -5.01 6.69
C HIS A 18 -6.57 -4.42 7.26
N PHE A 19 -6.67 -4.35 8.56
CA PHE A 19 -7.89 -3.78 9.17
C PHE A 19 -8.07 -2.32 8.74
N PHE A 20 -7.24 -1.44 9.24
CA PHE A 20 -7.36 -0.01 8.87
C PHE A 20 -7.64 0.13 7.37
N LEU A 21 -7.21 -0.83 6.59
CA LEU A 21 -7.45 -0.76 5.12
C LEU A 21 -8.86 -1.25 4.79
N SER A 22 -9.36 -2.20 5.53
CA SER A 22 -10.74 -2.72 5.27
C SER A 22 -11.71 -1.55 5.05
N LYS A 23 -11.38 -0.40 5.58
CA LYS A 23 -12.30 0.78 5.41
C LYS A 23 -11.80 1.66 4.28
N LYS A 24 -11.64 1.12 3.10
CA LYS A 24 -11.16 1.94 1.95
C LYS A 24 -12.29 2.82 1.40
N LYS A 25 -12.19 3.21 0.16
CA LYS A 25 -13.26 4.06 -0.44
C LYS A 25 -13.23 3.96 -1.97
N THR A 26 -14.37 4.09 -2.59
CA THR A 26 -14.41 4.01 -4.08
C THR A 26 -13.36 4.94 -4.70
N ASP A 27 -13.49 6.22 -4.49
CA ASP A 27 -12.50 7.18 -5.07
C ASP A 27 -11.07 6.71 -4.77
N GLU A 28 -10.75 6.50 -3.52
CA GLU A 28 -9.37 6.05 -3.18
C GLU A 28 -9.01 4.80 -3.99
N LEU A 29 -9.80 3.78 -3.89
CA LEU A 29 -9.51 2.54 -4.67
C LEU A 29 -9.30 2.89 -6.15
N ARG A 30 -9.88 3.98 -6.59
CA ARG A 30 -9.73 4.40 -8.00
C ARG A 30 -8.26 4.73 -8.32
N ASN A 31 -7.68 5.64 -7.58
CA ASN A 31 -6.27 6.01 -7.84
C ASN A 31 -5.34 4.83 -7.53
N LEU A 32 -5.63 4.08 -6.50
CA LEU A 32 -4.75 2.93 -6.15
C LEU A 32 -4.93 1.81 -7.18
N HIS A 33 -6.04 1.14 -7.17
CA HIS A 33 -6.27 0.03 -8.13
C HIS A 33 -5.85 0.46 -9.55
N LYS A 34 -5.85 1.73 -9.81
CA LYS A 34 -5.46 2.22 -11.18
C LYS A 34 -3.94 2.15 -11.35
N LEU A 35 -3.21 2.48 -10.32
CA LEU A 35 -1.72 2.44 -10.43
C LEU A 35 -1.18 1.23 -9.66
N LEU A 36 -1.61 1.05 -8.45
CA LEU A 36 -1.13 -0.11 -7.64
C LEU A 36 -1.41 -1.42 -8.38
N TYR A 37 -2.64 -1.67 -8.73
CA TYR A 37 -2.98 -2.94 -9.43
C TYR A 37 -3.14 -2.71 -10.93
N ASN A 38 -3.02 -1.50 -11.39
CA ASN A 38 -3.18 -1.23 -12.85
C ASN A 38 -4.45 -1.92 -13.38
N ARG A 39 -5.39 -2.17 -12.51
CA ARG A 39 -6.65 -2.83 -12.95
C ARG A 39 -7.86 -1.94 -12.63
N PRO A 40 -8.97 -2.26 -13.24
CA PRO A 40 -10.21 -1.47 -13.01
C PRO A 40 -10.77 -1.77 -11.63
N GLY A 41 -10.70 -0.82 -10.74
CA GLY A 41 -11.22 -1.04 -9.36
C GLY A 41 -12.61 -1.70 -9.42
N THR A 42 -12.71 -2.92 -8.99
CA THR A 42 -14.03 -3.61 -8.99
C THR A 42 -14.31 -4.17 -7.60
N VAL A 43 -15.55 -4.14 -7.17
CA VAL A 43 -15.89 -4.66 -5.82
C VAL A 43 -15.05 -5.90 -5.48
N SER A 44 -14.98 -6.83 -6.38
CA SER A 44 -14.17 -8.07 -6.12
C SER A 44 -12.70 -7.70 -5.90
N SER A 45 -12.18 -6.82 -6.73
CA SER A 45 -10.76 -6.40 -6.56
C SER A 45 -10.69 -5.34 -5.47
N LEU A 46 -11.38 -4.25 -5.67
CA LEU A 46 -11.39 -3.14 -4.68
C LEU A 46 -11.11 -3.66 -3.26
N LYS A 47 -12.02 -4.41 -2.70
CA LYS A 47 -11.80 -4.93 -1.32
C LYS A 47 -10.72 -6.02 -1.30
N LYS A 48 -10.75 -6.92 -2.23
CA LYS A 48 -9.73 -8.01 -2.26
C LYS A 48 -8.37 -7.48 -2.70
N ASN A 49 -8.24 -7.11 -3.95
CA ASN A 49 -6.93 -6.58 -4.44
C ASN A 49 -6.29 -5.66 -3.39
N VAL A 50 -7.03 -4.70 -2.89
CA VAL A 50 -6.45 -3.80 -1.87
C VAL A 50 -5.85 -4.62 -0.72
N GLY A 51 -6.67 -5.30 0.02
CA GLY A 51 -6.16 -6.13 1.16
C GLY A 51 -5.19 -7.18 0.62
N GLN A 52 -5.30 -7.54 -0.63
CA GLN A 52 -4.37 -8.56 -1.19
C GLN A 52 -3.72 -8.04 -2.47
N PHE A 53 -2.76 -7.16 -2.35
CA PHE A 53 -2.08 -6.62 -3.56
C PHE A 53 -0.78 -7.36 -3.82
N SER A 54 -0.32 -8.12 -2.86
CA SER A 54 0.96 -8.88 -3.04
C SER A 54 2.07 -7.92 -3.45
N GLY A 55 2.58 -7.16 -2.52
CA GLY A 55 3.68 -6.21 -2.87
C GLY A 55 4.14 -5.46 -1.61
N PHE A 56 3.25 -5.17 -0.70
CA PHE A 56 3.67 -4.42 0.52
C PHE A 56 4.85 -5.13 1.22
N PRO A 57 4.59 -6.21 1.92
CA PRO A 57 5.68 -6.93 2.62
C PRO A 57 6.56 -7.70 1.61
N PHE A 58 7.08 -7.03 0.62
CA PHE A 58 7.93 -7.73 -0.38
C PHE A 58 9.39 -7.82 0.11
N GLU A 59 10.34 -7.54 -0.74
CA GLU A 59 11.77 -7.60 -0.30
C GLU A 59 12.40 -6.22 -0.30
N LYS A 60 13.65 -6.11 0.06
CA LYS A 60 14.33 -4.79 0.09
C LYS A 60 15.75 -4.92 -0.44
N GLY A 61 16.39 -3.82 -0.75
CA GLY A 61 17.79 -3.88 -1.25
C GLY A 61 17.78 -4.32 -2.72
N SER A 62 16.71 -4.10 -3.42
CA SER A 62 16.65 -4.50 -4.85
C SER A 62 16.32 -3.31 -5.74
N VAL A 63 16.39 -3.47 -7.03
CA VAL A 63 16.06 -2.35 -7.95
C VAL A 63 14.70 -1.76 -7.60
N GLN A 64 13.73 -2.60 -7.37
CA GLN A 64 12.37 -2.09 -7.02
C GLN A 64 12.42 -1.31 -5.70
N TYR A 65 13.12 -1.81 -4.72
CA TYR A 65 13.19 -1.10 -3.42
C TYR A 65 13.46 0.38 -3.66
N LYS A 66 14.65 0.73 -4.08
CA LYS A 66 14.95 2.16 -4.35
C LYS A 66 13.85 2.74 -5.24
N LYS A 67 13.48 2.02 -6.27
CA LYS A 67 12.41 2.50 -7.18
C LYS A 67 11.27 3.07 -6.35
N LYS A 68 10.65 2.26 -5.53
CA LYS A 68 9.53 2.77 -4.71
C LYS A 68 9.93 4.07 -4.03
N GLU A 69 11.08 4.11 -3.41
CA GLU A 69 11.52 5.37 -2.74
C GLU A 69 11.13 6.60 -3.57
N GLU A 70 11.38 6.58 -4.85
CA GLU A 70 11.03 7.75 -5.70
C GLU A 70 9.51 7.85 -5.90
N MET A 71 8.92 6.89 -6.57
CA MET A 71 7.45 6.95 -6.80
C MET A 71 6.72 7.16 -5.47
N LEU A 72 7.15 6.49 -4.44
CA LEU A 72 6.49 6.65 -3.11
C LEU A 72 6.63 8.10 -2.65
N LYS A 73 7.64 8.78 -3.12
CA LYS A 73 7.82 10.22 -2.72
C LYS A 73 6.68 11.07 -3.31
N LYS A 74 6.63 11.21 -4.60
CA LYS A 74 5.52 12.00 -5.21
C LYS A 74 4.21 11.55 -4.58
N PHE A 75 3.98 10.26 -4.57
CA PHE A 75 2.73 9.74 -3.95
C PHE A 75 2.78 9.97 -2.44
N ARG A 76 3.95 10.11 -1.89
CA ARG A 76 4.03 10.35 -0.42
C ARG A 76 3.07 11.47 -0.06
N ASN A 77 3.16 12.58 -0.74
CA ASN A 77 2.24 13.70 -0.43
C ASN A 77 0.82 13.33 -0.87
N ALA A 78 0.67 12.86 -2.08
CA ALA A 78 -0.69 12.49 -2.56
C ALA A 78 -1.15 11.16 -1.96
N MET A 79 -0.58 10.08 -2.41
CA MET A 79 -0.97 8.74 -1.88
C MET A 79 -1.20 8.79 -0.36
N LEU A 80 -0.21 9.17 0.41
CA LEU A 80 -0.44 9.20 1.89
C LEU A 80 -1.72 9.97 2.20
N LYS A 81 -1.88 11.13 1.62
CA LYS A 81 -3.12 11.91 1.88
C LYS A 81 -4.32 10.95 1.95
N SER A 82 -4.57 10.25 0.89
CA SER A 82 -5.72 9.27 0.90
C SER A 82 -5.30 7.99 1.61
N ILE A 83 -4.34 7.28 1.08
CA ILE A 83 -3.89 6.01 1.73
C ILE A 83 -3.66 6.25 3.22
N CYS A 84 -2.69 7.05 3.57
CA CYS A 84 -2.44 7.31 5.03
C CYS A 84 -3.77 7.55 5.73
N GLU A 85 -4.65 8.32 5.13
CA GLU A 85 -5.97 8.55 5.76
C GLU A 85 -6.54 7.22 6.25
N VAL A 86 -6.25 6.15 5.55
CA VAL A 86 -6.77 4.82 5.97
C VAL A 86 -5.67 3.76 5.93
N LEU A 87 -4.43 4.17 5.95
CA LEU A 87 -3.32 3.18 5.92
C LEU A 87 -2.81 2.94 7.33
N ASP A 88 -3.69 2.91 8.30
CA ASP A 88 -3.25 2.68 9.71
C ASP A 88 -2.20 3.71 10.08
N LEU A 89 -2.36 4.93 9.64
CA LEU A 89 -1.35 6.00 9.96
C LEU A 89 -2.06 7.32 10.25
N GLU A 90 -1.32 8.39 10.33
CA GLU A 90 -1.93 9.71 10.60
C GLU A 90 -0.94 10.83 10.28
N ARG A 91 -0.25 10.72 9.17
CA ARG A 91 0.73 11.77 8.79
C ARG A 91 1.76 11.97 9.91
N SER A 92 1.61 13.00 10.71
CA SER A 92 2.58 13.25 11.81
C SER A 92 4.02 13.14 11.29
N GLY A 93 4.58 14.24 10.84
CA GLY A 93 5.97 14.20 10.33
C GLY A 93 6.10 15.15 9.14
N VAL A 94 7.24 15.14 8.48
CA VAL A 94 7.43 16.04 7.31
C VAL A 94 7.56 15.22 6.02
N ASN A 95 8.05 15.82 4.98
CA ASN A 95 8.20 15.08 3.69
C ASN A 95 9.16 13.90 3.86
N SER A 96 10.20 14.08 4.63
CA SER A 96 11.18 12.96 4.84
C SER A 96 10.55 11.85 5.67
N GLU A 97 9.91 12.20 6.77
CA GLU A 97 9.28 11.16 7.62
C GLU A 97 8.24 10.38 6.82
N LEU A 98 7.64 11.00 5.83
CA LEU A 98 6.63 10.29 5.01
C LEU A 98 7.32 9.23 4.14
N VAL A 99 8.16 9.64 3.25
CA VAL A 99 8.87 8.66 2.38
C VAL A 99 9.44 7.54 3.25
N LYS A 100 10.28 7.88 4.17
CA LYS A 100 10.87 6.83 5.06
C LYS A 100 9.76 5.89 5.55
N ARG A 101 8.59 6.41 5.78
CA ARG A 101 7.46 5.55 6.25
C ARG A 101 7.16 4.46 5.22
N ILE A 102 7.30 4.77 3.95
CA ILE A 102 7.01 3.72 2.92
C ILE A 102 8.15 2.69 2.90
N LEU A 103 9.35 3.11 3.21
CA LEU A 103 10.50 2.15 3.21
C LEU A 103 10.33 1.18 4.39
N ASN A 104 9.64 1.60 5.41
CA ASN A 104 9.43 0.70 6.59
C ASN A 104 8.02 0.12 6.58
N PHE A 105 7.12 0.77 5.91
CA PHE A 105 5.71 0.24 5.85
C PHE A 105 5.42 -0.32 4.45
N LEU A 106 5.42 0.51 3.45
CA LEU A 106 5.15 0.01 2.08
C LEU A 106 6.22 -1.01 1.68
N MET A 107 7.38 -0.91 2.27
CA MET A 107 8.47 -1.89 1.95
C MET A 107 8.34 -3.11 2.86
N HIS A 108 7.68 -2.96 3.97
CA HIS A 108 7.51 -4.10 4.91
C HIS A 108 6.58 -3.69 6.05
N PRO A 109 5.32 -4.00 5.87
CA PRO A 109 4.28 -3.66 6.89
C PRO A 109 4.42 -4.57 8.11
N LYS A 110 3.73 -5.67 8.14
CA LYS A 110 3.82 -6.58 9.32
C LYS A 110 3.29 -5.89 10.58
N PHE A 1 -2.69 -16.83 -11.55
CA PHE A 1 -2.62 -15.35 -11.31
C PHE A 1 -1.20 -14.96 -10.92
N THR A 2 -1.00 -13.72 -10.54
CA THR A 2 0.36 -13.28 -10.15
C THR A 2 0.29 -11.97 -9.35
N ILE A 3 0.20 -12.07 -8.05
CA ILE A 3 0.13 -10.84 -7.21
C ILE A 3 1.31 -10.82 -6.23
N ALA A 4 1.50 -11.87 -5.48
CA ALA A 4 2.63 -11.91 -4.52
C ALA A 4 2.84 -13.33 -4.00
N GLN A 5 3.51 -14.15 -4.76
CA GLN A 5 3.76 -15.55 -4.32
C GLN A 5 5.18 -15.69 -3.74
N GLY A 6 5.34 -15.38 -2.47
CA GLY A 6 6.69 -15.49 -1.86
C GLY A 6 7.08 -14.15 -1.25
N LYS A 7 6.12 -13.40 -0.77
CA LYS A 7 6.45 -12.08 -0.16
C LYS A 7 6.46 -12.18 1.37
N GLY A 8 6.84 -13.32 1.89
CA GLY A 8 6.87 -13.49 3.38
C GLY A 8 5.44 -13.58 3.91
N GLN A 9 4.79 -12.46 4.08
CA GLN A 9 3.39 -12.49 4.61
C GLN A 9 2.44 -11.80 3.62
N LYS A 10 2.95 -10.94 2.78
CA LYS A 10 2.06 -10.25 1.80
C LYS A 10 1.11 -9.29 2.51
N LEU A 11 0.63 -8.29 1.82
CA LEU A 11 -0.31 -7.32 2.46
C LEU A 11 -1.62 -8.01 2.84
N CYS A 12 -1.80 -9.24 2.45
CA CYS A 12 -3.05 -9.96 2.80
C CYS A 12 -2.91 -10.64 4.16
N GLU A 13 -1.75 -11.14 4.47
CA GLU A 13 -1.56 -11.82 5.78
C GLU A 13 -1.76 -10.81 6.92
N ILE A 14 -1.10 -9.69 6.85
CA ILE A 14 -1.26 -8.67 7.92
C ILE A 14 -2.65 -8.03 7.84
N GLU A 15 -3.50 -8.33 8.79
CA GLU A 15 -4.88 -7.77 8.78
C GLU A 15 -4.86 -6.28 9.11
N ARG A 16 -3.93 -5.84 9.92
CA ARG A 16 -3.86 -4.39 10.30
C ARG A 16 -4.23 -3.49 9.10
N ILE A 17 -3.44 -3.52 8.07
CA ILE A 17 -3.75 -2.66 6.88
C ILE A 17 -5.06 -3.11 6.22
N HIS A 18 -5.25 -4.38 6.06
CA HIS A 18 -6.49 -4.89 5.42
C HIS A 18 -7.72 -4.31 6.14
N PHE A 19 -7.64 -4.14 7.43
CA PHE A 19 -8.79 -3.59 8.19
C PHE A 19 -8.98 -2.10 7.86
N PHE A 20 -8.02 -1.29 8.18
CA PHE A 20 -8.15 0.18 7.90
C PHE A 20 -8.81 0.41 6.53
N LEU A 21 -8.67 -0.52 5.62
CA LEU A 21 -9.28 -0.35 4.28
C LEU A 21 -10.59 -1.14 4.18
N SER A 22 -10.69 -2.22 4.89
CA SER A 22 -11.95 -3.04 4.83
C SER A 22 -13.17 -2.12 4.85
N LYS A 23 -13.04 -0.95 5.42
CA LYS A 23 -14.20 -0.01 5.48
C LYS A 23 -14.91 0.04 4.13
N LYS A 24 -14.21 -0.21 3.06
CA LYS A 24 -14.84 -0.17 1.71
C LYS A 24 -15.24 1.26 1.37
N LYS A 25 -14.64 1.82 0.35
CA LYS A 25 -14.99 3.22 -0.04
C LYS A 25 -14.94 3.37 -1.56
N THR A 26 -14.80 4.58 -2.04
CA THR A 26 -14.74 4.81 -3.51
C THR A 26 -13.52 5.66 -3.85
N ASP A 27 -13.40 6.82 -3.25
CA ASP A 27 -12.23 7.69 -3.54
C ASP A 27 -10.94 6.90 -3.32
N GLU A 28 -10.79 6.33 -2.15
CA GLU A 28 -9.56 5.54 -1.87
C GLU A 28 -9.47 4.36 -2.86
N LEU A 29 -10.53 3.61 -2.99
CA LEU A 29 -10.52 2.47 -3.93
C LEU A 29 -10.27 2.96 -5.36
N ARG A 30 -10.44 4.24 -5.59
CA ARG A 30 -10.22 4.78 -6.97
C ARG A 30 -8.74 5.08 -7.20
N ASN A 31 -8.30 6.25 -6.83
CA ASN A 31 -6.86 6.62 -7.05
C ASN A 31 -5.93 5.47 -6.68
N LEU A 32 -6.29 4.68 -5.71
CA LEU A 32 -5.40 3.55 -5.30
C LEU A 32 -5.61 2.33 -6.21
N HIS A 33 -6.78 1.74 -6.18
CA HIS A 33 -7.02 0.54 -7.04
C HIS A 33 -6.80 0.87 -8.51
N LYS A 34 -6.91 2.12 -8.89
CA LYS A 34 -6.71 2.49 -10.31
C LYS A 34 -5.22 2.70 -10.61
N LEU A 35 -4.45 3.11 -9.63
CA LEU A 35 -2.99 3.32 -9.89
C LEU A 35 -2.18 2.13 -9.36
N LEU A 36 -2.28 1.86 -8.08
CA LEU A 36 -1.51 0.72 -7.50
C LEU A 36 -1.89 -0.59 -8.18
N TYR A 37 -3.15 -0.93 -8.20
CA TYR A 37 -3.57 -2.21 -8.83
C TYR A 37 -3.96 -1.98 -10.30
N ASN A 38 -3.93 -0.77 -10.75
CA ASN A 38 -4.30 -0.50 -12.18
C ASN A 38 -5.63 -1.19 -12.52
N ARG A 39 -6.60 -1.09 -11.66
CA ARG A 39 -7.90 -1.75 -11.93
C ARG A 39 -9.04 -0.93 -11.29
N PRO A 40 -10.25 -1.21 -11.72
CA PRO A 40 -11.43 -0.49 -11.18
C PRO A 40 -11.70 -0.93 -9.73
N GLY A 41 -11.48 -2.18 -9.45
CA GLY A 41 -11.72 -2.68 -8.06
C GLY A 41 -13.22 -2.68 -7.75
N THR A 42 -13.74 -3.79 -7.31
CA THR A 42 -15.19 -3.87 -6.98
C THR A 42 -15.37 -4.37 -5.54
N VAL A 43 -15.56 -5.66 -5.37
CA VAL A 43 -15.73 -6.20 -4.00
C VAL A 43 -14.61 -7.20 -3.71
N SER A 44 -14.60 -8.31 -4.41
CA SER A 44 -13.53 -9.32 -4.19
C SER A 44 -12.20 -8.80 -4.73
N SER A 45 -12.23 -7.71 -5.45
CA SER A 45 -10.97 -7.14 -6.00
C SER A 45 -10.42 -6.10 -5.02
N LEU A 46 -11.18 -5.07 -4.76
CA LEU A 46 -10.72 -4.04 -3.81
C LEU A 46 -10.15 -4.71 -2.56
N LYS A 47 -10.68 -5.85 -2.20
CA LYS A 47 -10.17 -6.57 -0.99
C LYS A 47 -8.91 -7.37 -1.33
N LYS A 48 -9.06 -8.43 -2.09
CA LYS A 48 -7.86 -9.26 -2.45
C LYS A 48 -6.74 -8.39 -3.02
N ASN A 49 -7.07 -7.24 -3.54
CA ASN A 49 -6.02 -6.36 -4.13
C ASN A 49 -5.42 -5.45 -3.06
N VAL A 50 -6.21 -4.56 -2.50
CA VAL A 50 -5.69 -3.63 -1.45
C VAL A 50 -4.70 -4.35 -0.53
N GLY A 51 -4.93 -5.61 -0.25
CA GLY A 51 -3.99 -6.35 0.65
C GLY A 51 -3.18 -7.38 -0.16
N GLN A 52 -3.02 -7.17 -1.42
CA GLN A 52 -2.24 -8.13 -2.25
C GLN A 52 -1.91 -7.53 -3.61
N PHE A 53 -1.09 -6.52 -3.64
CA PHE A 53 -0.72 -5.88 -4.94
C PHE A 53 0.45 -6.63 -5.59
N SER A 54 1.65 -6.40 -5.13
CA SER A 54 2.83 -7.10 -5.73
C SER A 54 3.63 -7.83 -4.64
N GLY A 55 3.49 -7.41 -3.41
CA GLY A 55 4.26 -8.07 -2.31
C GLY A 55 4.96 -6.99 -1.48
N PHE A 56 4.26 -5.96 -1.13
CA PHE A 56 4.87 -4.88 -0.31
C PHE A 56 5.80 -5.45 0.76
N PRO A 57 5.27 -6.33 1.57
CA PRO A 57 6.08 -6.96 2.64
C PRO A 57 7.07 -7.95 2.04
N PHE A 58 7.89 -7.51 1.12
CA PHE A 58 8.88 -8.45 0.51
C PHE A 58 10.27 -8.28 1.15
N GLU A 59 11.26 -7.89 0.41
CA GLU A 59 12.62 -7.73 1.00
C GLU A 59 13.04 -6.25 1.01
N LYS A 60 14.30 -5.98 1.21
CA LYS A 60 14.77 -4.56 1.24
C LYS A 60 16.25 -4.49 0.86
N GLY A 61 16.69 -3.37 0.37
CA GLY A 61 18.13 -3.23 -0.01
C GLY A 61 18.32 -3.71 -1.45
N SER A 62 17.27 -3.74 -2.22
CA SER A 62 17.40 -4.19 -3.64
C SER A 62 16.86 -3.12 -4.59
N VAL A 63 17.14 -3.24 -5.85
CA VAL A 63 16.65 -2.23 -6.83
C VAL A 63 15.18 -1.89 -6.57
N GLN A 64 14.37 -2.88 -6.35
CA GLN A 64 12.92 -2.62 -6.08
C GLN A 64 12.76 -1.73 -4.85
N TYR A 65 13.60 -1.92 -3.86
CA TYR A 65 13.50 -1.10 -2.62
C TYR A 65 13.79 0.37 -2.96
N LYS A 66 15.03 0.69 -3.23
CA LYS A 66 15.38 2.10 -3.59
C LYS A 66 14.33 2.63 -4.57
N LYS A 67 14.00 1.85 -5.56
CA LYS A 67 12.98 2.30 -6.55
C LYS A 67 11.75 2.81 -5.80
N LYS A 68 11.13 1.96 -5.03
CA LYS A 68 9.93 2.37 -4.26
C LYS A 68 10.16 3.77 -3.67
N GLU A 69 11.21 3.94 -2.92
CA GLU A 69 11.50 5.29 -2.32
C GLU A 69 11.18 6.41 -3.31
N GLU A 70 11.57 6.26 -4.55
CA GLU A 70 11.31 7.34 -5.55
C GLU A 70 9.81 7.42 -5.89
N MET A 71 9.26 6.42 -6.51
CA MET A 71 7.81 6.46 -6.87
C MET A 71 6.97 6.76 -5.64
N LEU A 72 7.33 6.20 -4.52
CA LEU A 72 6.56 6.45 -3.27
C LEU A 72 6.79 7.89 -2.81
N LYS A 73 7.86 8.50 -3.23
CA LYS A 73 8.11 9.91 -2.82
C LYS A 73 7.07 10.83 -3.47
N LYS A 74 7.14 11.00 -4.77
CA LYS A 74 6.12 11.86 -5.44
C LYS A 74 4.74 11.49 -4.90
N PHE A 75 4.44 10.23 -4.89
CA PHE A 75 3.12 9.79 -4.36
C PHE A 75 3.08 10.03 -2.86
N ARG A 76 4.22 10.08 -2.22
CA ARG A 76 4.22 10.33 -0.76
C ARG A 76 3.29 11.50 -0.47
N ASN A 77 3.47 12.58 -1.17
CA ASN A 77 2.57 13.74 -0.95
C ASN A 77 1.17 13.41 -1.46
N ALA A 78 1.08 12.96 -2.68
CA ALA A 78 -0.27 12.63 -3.24
C ALA A 78 -0.81 11.32 -2.66
N MET A 79 -0.25 10.21 -3.04
CA MET A 79 -0.72 8.90 -2.52
C MET A 79 -1.03 8.97 -1.02
N LEU A 80 -0.09 9.32 -0.19
CA LEU A 80 -0.40 9.38 1.27
C LEU A 80 -1.69 10.16 1.48
N LYS A 81 -1.81 11.32 0.90
CA LYS A 81 -3.07 12.11 1.07
C LYS A 81 -4.26 11.16 1.05
N SER A 82 -4.48 10.49 -0.05
CA SER A 82 -5.62 9.54 -0.13
C SER A 82 -5.26 8.21 0.56
N ILE A 83 -4.25 7.53 0.09
CA ILE A 83 -3.86 6.24 0.71
C ILE A 83 -3.67 6.41 2.23
N CYS A 84 -2.73 7.21 2.64
CA CYS A 84 -2.52 7.40 4.10
C CYS A 84 -3.88 7.63 4.79
N GLU A 85 -4.71 8.47 4.23
CA GLU A 85 -6.04 8.70 4.85
C GLU A 85 -6.66 7.34 5.21
N VAL A 86 -6.36 6.32 4.44
CA VAL A 86 -6.93 4.97 4.74
C VAL A 86 -5.91 3.88 4.43
N LEU A 87 -4.76 3.95 5.03
CA LEU A 87 -3.72 2.90 4.78
C LEU A 87 -3.03 2.52 6.09
N ASP A 88 -3.80 2.37 7.14
CA ASP A 88 -3.19 2.01 8.46
C ASP A 88 -2.24 3.11 8.92
N LEU A 89 -2.64 4.35 8.78
CA LEU A 89 -1.75 5.47 9.21
C LEU A 89 -2.57 6.59 9.84
N GLU A 90 -1.98 7.73 10.04
CA GLU A 90 -2.72 8.87 10.65
C GLU A 90 -2.13 10.20 10.19
N ARG A 91 -1.42 10.18 9.08
CA ARG A 91 -0.82 11.44 8.57
C ARG A 91 0.32 11.89 9.48
N SER A 92 0.52 13.16 9.60
CA SER A 92 1.62 13.68 10.47
C SER A 92 2.97 13.19 9.98
N GLY A 93 3.86 14.07 9.66
CA GLY A 93 5.21 13.64 9.17
C GLY A 93 5.69 14.60 8.08
N VAL A 94 6.96 14.85 8.01
CA VAL A 94 7.49 15.77 6.97
C VAL A 94 7.79 15.00 5.68
N ASN A 95 8.17 15.68 4.63
CA ASN A 95 8.47 14.98 3.35
C ASN A 95 9.38 13.78 3.61
N SER A 96 10.49 13.98 4.27
CA SER A 96 11.41 12.84 4.55
C SER A 96 10.72 11.79 5.41
N GLU A 97 10.39 12.14 6.63
CA GLU A 97 9.70 11.15 7.53
C GLU A 97 8.61 10.41 6.76
N LEU A 98 8.03 11.03 5.76
CA LEU A 98 6.97 10.34 4.98
C LEU A 98 7.58 9.24 4.13
N VAL A 99 8.44 9.59 3.23
CA VAL A 99 9.08 8.54 2.37
C VAL A 99 9.69 7.47 3.27
N LYS A 100 10.62 7.84 4.11
CA LYS A 100 11.25 6.84 5.01
C LYS A 100 10.18 5.91 5.58
N ARG A 101 8.98 6.41 5.76
CA ARG A 101 7.89 5.57 6.30
C ARG A 101 7.55 4.44 5.31
N ILE A 102 7.34 4.77 4.06
CA ILE A 102 7.00 3.71 3.07
C ILE A 102 8.07 2.61 3.13
N LEU A 103 9.28 2.96 3.46
CA LEU A 103 10.36 1.93 3.55
C LEU A 103 10.15 1.09 4.79
N ASN A 104 9.52 1.63 5.80
CA ASN A 104 9.30 0.85 7.05
C ASN A 104 7.88 0.26 7.08
N PHE A 105 7.01 0.75 6.24
CA PHE A 105 5.61 0.21 6.23
C PHE A 105 5.28 -0.39 4.85
N LEU A 106 5.35 0.40 3.82
CA LEU A 106 5.04 -0.12 2.47
C LEU A 106 6.06 -1.19 2.05
N MET A 107 7.31 -0.97 2.33
CA MET A 107 8.34 -1.98 1.95
C MET A 107 8.30 -3.15 2.94
N HIS A 108 7.67 -2.96 4.07
CA HIS A 108 7.60 -4.08 5.06
C HIS A 108 6.70 -3.66 6.23
N PRO A 109 5.42 -3.81 6.02
CA PRO A 109 4.43 -3.45 7.07
C PRO A 109 4.51 -4.44 8.24
N LYS A 110 3.76 -5.51 8.19
CA LYS A 110 3.78 -6.51 9.29
C LYS A 110 3.39 -5.85 10.61
#